data_6FMZ
#
_entry.id   6FMZ
#
_cell.length_a   142.935
_cell.length_b   102.713
_cell.length_c   59.148
_cell.angle_alpha   90.00
_cell.angle_beta   113.09
_cell.angle_gamma   90.00
#
_symmetry.space_group_name_H-M   'C 1 2 1'
#
loop_
_entity.id
_entity.type
_entity.pdbx_description
1 polymer 'Thioredoxin glutathione reductase'
2 non-polymer 'FLAVIN-ADENINE DINUCLEOTIDE'
3 non-polymer 2-[4-(2-hydroxyethyl)piperazin-1-yl]ethanol
4 water water
#
_entity_poly.entity_id   1
_entity_poly.type   'polypeptide(L)'
_entity_poly.pdbx_seq_one_letter_code
;MPPADGTSQWLRKTVDSAAVILFSKTTCPYCKKVKDVLAEAKIKHATIELDQLSNGSAIQKCLASFSKIETVPQMFVRGK
FIGDSQTVLKYYSNDELAGIVNESKYDYDLIVIGGGSGGLAAGKEAAKYGAKTAVLDYVEPTPIGTTWGLGGTCVNVGCI
PKKLMHQAGLLSHALEDAEHFGWSLDRSKISHNWSTMVEGVQSHIGSLNWGYKVALRDNQVTYLNAKGRLISPHEVQITD
KNQKVSTITGNKIILATGERPKYPEIPGAVEYGITSDDLFSLPYFPGKTLVIGASYVALECAGFLASLGGDVTVMVRSIL
LRGFDQQMAEKVGDYMENHGVKFAKLCVPDEIKQLKVVDTENNKPGLLLVKGHYTDGKKFEEEFETVIFAVGREPQLSKV
LCETVGVKLDKNGRVVCTDDEQTTVSNVYAIGDINAGKPQLTPVAIQAGRYLARRLFAGATELTDYSNVATTVFTPLEYG
ACGLSEEDAIEKYGDKDIEVYHSNFKPLEWTVAHREDNVCYMKLVCRKSDNMRVLGLHVLGPNAGEITQGYAVAIKMGAT
KADFDRTIGIHPTCSETFTTLHVTKKSGVSPIVSGCCG
;
_entity_poly.pdbx_strand_id   A
#
loop_
_chem_comp.id
_chem_comp.type
_chem_comp.name
_chem_comp.formula
DVQ non-polymer 2-[4-(2-hydroxyethyl)piperazin-1-yl]ethanol 'C8 H18 N2 O2'
FAD non-polymer 'FLAVIN-ADENINE DINUCLEOTIDE' 'C27 H33 N9 O15 P2'
#
# COMPACT_ATOMS: atom_id res chain seq x y z
N GLY A 6 -9.71 4.60 -32.89
CA GLY A 6 -9.31 4.60 -31.50
C GLY A 6 -9.06 6.00 -30.96
N THR A 7 -8.56 6.87 -31.84
CA THR A 7 -8.44 8.28 -31.51
C THR A 7 -9.80 8.84 -31.10
N SER A 8 -10.83 8.53 -31.89
CA SER A 8 -12.19 9.02 -31.60
C SER A 8 -12.68 8.52 -30.26
N GLN A 9 -12.51 7.22 -29.98
CA GLN A 9 -12.93 6.70 -28.69
C GLN A 9 -12.17 7.37 -27.55
N TRP A 10 -10.87 7.59 -27.72
CA TRP A 10 -10.09 8.23 -26.66
C TRP A 10 -10.53 9.67 -26.46
N LEU A 11 -10.69 10.43 -27.56
CA LEU A 11 -11.07 11.82 -27.44
C LEU A 11 -12.45 11.97 -26.82
N ARG A 12 -13.42 11.17 -27.24
CA ARG A 12 -14.77 11.28 -26.69
C ARG A 12 -14.76 10.99 -25.19
N LYS A 13 -14.03 9.95 -24.75
CA LYS A 13 -13.93 9.65 -23.32
C LYS A 13 -13.24 10.78 -22.57
N THR A 14 -12.16 11.32 -23.16
CA THR A 14 -11.42 12.39 -22.51
C THR A 14 -12.29 13.65 -22.35
N VAL A 15 -12.97 14.06 -23.42
CA VAL A 15 -13.83 15.23 -23.34
C VAL A 15 -14.94 15.00 -22.34
N ASP A 16 -15.55 13.82 -22.36
CA ASP A 16 -16.70 13.58 -21.49
C ASP A 16 -16.32 13.70 -20.02
N SER A 17 -15.10 13.29 -19.67
CA SER A 17 -14.68 13.12 -18.29
C SER A 17 -13.91 14.29 -17.71
N ALA A 18 -13.12 15.01 -18.51
CA ALA A 18 -12.29 16.07 -17.94
C ALA A 18 -13.17 17.16 -17.33
N ALA A 19 -12.73 17.67 -16.19
CA ALA A 19 -13.41 18.80 -15.56
C ALA A 19 -13.15 20.08 -16.36
N VAL A 20 -11.88 20.40 -16.57
CA VAL A 20 -11.48 21.59 -17.33
C VAL A 20 -10.25 21.19 -18.14
N ILE A 21 -10.32 21.29 -19.46
CA ILE A 21 -9.21 20.83 -20.28
C ILE A 21 -9.00 21.73 -21.48
N LEU A 22 -7.74 21.96 -21.79
CA LEU A 22 -7.30 22.86 -22.85
C LEU A 22 -6.52 22.04 -23.86
N PHE A 23 -6.99 22.04 -25.10
CA PHE A 23 -6.24 21.47 -26.20
C PHE A 23 -5.40 22.58 -26.80
N SER A 24 -4.10 22.35 -26.87
CA SER A 24 -3.13 23.41 -27.06
C SER A 24 -2.02 22.92 -27.98
N LYS A 25 -1.16 23.87 -28.38
CA LYS A 25 0.14 23.55 -28.95
C LYS A 25 1.18 24.40 -28.23
N THR A 26 2.35 23.81 -27.95
CA THR A 26 3.34 24.51 -27.14
CA THR A 26 3.35 24.49 -27.15
C THR A 26 3.79 25.80 -27.78
N THR A 27 3.70 25.91 -29.10
CA THR A 27 4.12 27.11 -29.82
C THR A 27 2.93 27.81 -30.47
N CYS A 28 1.97 28.24 -29.66
CA CYS A 28 0.88 29.07 -30.15
C CYS A 28 0.67 30.23 -29.18
N PRO A 29 0.84 31.47 -29.62
CA PRO A 29 0.59 32.60 -28.71
C PRO A 29 -0.84 32.68 -28.22
N TYR A 30 -1.82 32.36 -29.07
CA TYR A 30 -3.21 32.32 -28.60
C TYR A 30 -3.39 31.28 -27.51
N CYS A 31 -2.75 30.12 -27.66
CA CYS A 31 -2.77 29.14 -26.58
C CYS A 31 -2.19 29.72 -25.31
N LYS A 32 -1.15 30.52 -25.43
CA LYS A 32 -0.54 31.12 -24.24
C LYS A 32 -1.42 32.23 -23.66
N LYS A 33 -2.06 33.02 -24.52
CA LYS A 33 -3.03 33.99 -24.03
C LYS A 33 -4.02 33.32 -23.08
N VAL A 34 -4.57 32.18 -23.51
CA VAL A 34 -5.59 31.51 -22.71
C VAL A 34 -4.99 30.95 -21.43
N LYS A 35 -3.80 30.35 -21.52
CA LYS A 35 -3.19 29.81 -20.30
C LYS A 35 -2.94 30.89 -19.26
N ASP A 36 -2.50 32.07 -19.70
CA ASP A 36 -2.23 33.14 -18.73
CA ASP A 36 -2.23 33.16 -18.76
C ASP A 36 -3.51 33.67 -18.13
N VAL A 37 -4.57 33.78 -18.93
CA VAL A 37 -5.88 34.13 -18.36
C VAL A 37 -6.24 33.12 -17.28
N LEU A 38 -6.20 31.82 -17.61
CA LEU A 38 -6.65 30.82 -16.65
C LEU A 38 -5.78 30.83 -15.41
N ALA A 39 -4.47 30.97 -15.58
CA ALA A 39 -3.59 31.05 -14.42
C ALA A 39 -3.92 32.28 -13.59
N GLU A 40 -4.12 33.42 -14.24
CA GLU A 40 -4.45 34.65 -13.50
C GLU A 40 -5.75 34.49 -12.74
N ALA A 41 -6.77 33.88 -13.35
CA ALA A 41 -8.04 33.62 -12.70
C ALA A 41 -7.97 32.46 -11.72
N LYS A 42 -6.80 31.84 -11.56
CA LYS A 42 -6.65 30.72 -10.63
C LYS A 42 -7.56 29.56 -11.02
N ILE A 43 -7.68 29.31 -12.33
CA ILE A 43 -8.49 28.22 -12.86
C ILE A 43 -7.55 27.07 -13.22
N LYS A 44 -7.61 25.99 -12.45
CA LYS A 44 -6.78 24.82 -12.70
C LYS A 44 -7.40 23.98 -13.81
N HIS A 45 -6.55 23.35 -14.61
CA HIS A 45 -7.02 22.62 -15.78
C HIS A 45 -5.95 21.64 -16.23
N ALA A 46 -6.41 20.64 -16.97
CA ALA A 46 -5.50 19.82 -17.76
C ALA A 46 -5.18 20.53 -19.07
N THR A 47 -4.02 20.17 -19.63
CA THR A 47 -3.59 20.66 -20.92
C THR A 47 -3.04 19.50 -21.74
N ILE A 48 -3.44 19.44 -23.00
CA ILE A 48 -2.92 18.46 -23.95
C ILE A 48 -2.29 19.23 -25.10
N GLU A 49 -0.97 19.11 -25.22
CA GLU A 49 -0.20 19.74 -26.29
C GLU A 49 -0.18 18.80 -27.49
N LEU A 50 -1.03 19.08 -28.47
CA LEU A 50 -1.17 18.19 -29.60
C LEU A 50 0.13 18.04 -30.37
N ASP A 51 0.98 19.06 -30.34
CA ASP A 51 2.25 19.00 -31.07
C ASP A 51 3.29 18.14 -30.36
N GLN A 52 2.90 17.50 -29.26
CA GLN A 52 3.74 16.52 -28.59
C GLN A 52 3.18 15.11 -28.72
N LEU A 53 2.09 14.93 -29.47
CA LEU A 53 1.46 13.64 -29.68
C LEU A 53 1.66 13.23 -31.12
N SER A 54 1.94 11.95 -31.35
CA SER A 54 2.17 11.49 -32.71
C SER A 54 0.90 11.58 -33.55
N ASN A 55 -0.27 11.43 -32.93
CA ASN A 55 -1.54 11.55 -33.63
C ASN A 55 -2.26 12.85 -33.30
N GLY A 56 -1.49 13.90 -32.98
CA GLY A 56 -2.11 15.18 -32.67
C GLY A 56 -2.85 15.78 -33.84
N SER A 57 -2.32 15.63 -35.06
CA SER A 57 -3.01 16.20 -36.20
C SER A 57 -4.35 15.51 -36.42
N ALA A 58 -4.40 14.20 -36.18
CA ALA A 58 -5.69 13.51 -36.23
C ALA A 58 -6.58 13.95 -35.09
N ILE A 59 -6.03 14.09 -33.89
CA ILE A 59 -6.80 14.60 -32.75
C ILE A 59 -7.37 15.95 -33.08
N GLN A 60 -6.53 16.83 -33.66
CA GLN A 60 -6.98 18.18 -33.99
C GLN A 60 -8.17 18.14 -34.94
N LYS A 61 -8.09 17.30 -35.99
CA LYS A 61 -9.24 17.20 -36.89
C LYS A 61 -10.44 16.60 -36.17
N CYS A 62 -10.23 15.57 -35.35
CA CYS A 62 -11.33 14.93 -34.66
C CYS A 62 -12.05 15.89 -33.70
N LEU A 63 -11.35 16.92 -33.20
CA LEU A 63 -11.98 17.86 -32.28
C LEU A 63 -13.17 18.57 -32.92
N ALA A 64 -13.15 18.76 -34.24
CA ALA A 64 -14.26 19.44 -34.89
C ALA A 64 -15.59 18.74 -34.69
N SER A 65 -15.56 17.44 -34.36
CA SER A 65 -16.79 16.72 -34.06
C SER A 65 -17.38 17.15 -32.73
N PHE A 66 -16.60 17.80 -31.87
CA PHE A 66 -17.10 18.35 -30.62
C PHE A 66 -17.30 19.86 -30.68
N SER A 67 -16.45 20.57 -31.42
CA SER A 67 -16.39 22.02 -31.38
C SER A 67 -16.70 22.70 -32.70
N LYS A 68 -16.85 21.95 -33.79
CA LYS A 68 -16.99 22.48 -35.15
C LYS A 68 -15.75 23.23 -35.61
N ILE A 69 -14.64 23.19 -34.85
CA ILE A 69 -13.43 23.87 -35.29
C ILE A 69 -12.23 22.94 -35.13
N GLU A 70 -11.17 23.27 -35.87
CA GLU A 70 -9.99 22.43 -35.99
C GLU A 70 -8.72 23.12 -35.50
N THR A 71 -8.84 24.30 -34.92
CA THR A 71 -7.70 25.10 -34.50
C THR A 71 -7.43 24.90 -33.00
N VAL A 72 -6.29 25.41 -32.55
CA VAL A 72 -6.02 25.50 -31.11
C VAL A 72 -5.85 26.96 -30.74
N PRO A 73 -6.22 27.38 -29.52
CA PRO A 73 -6.65 26.49 -28.44
C PRO A 73 -8.13 26.14 -28.47
N GLN A 74 -8.49 25.04 -27.82
CA GLN A 74 -9.90 24.69 -27.59
C GLN A 74 -10.07 24.37 -26.12
N MET A 75 -10.99 25.06 -25.47
CA MET A 75 -11.26 24.82 -24.06
C MET A 75 -12.58 24.07 -23.88
N PHE A 76 -12.56 23.05 -23.04
CA PHE A 76 -13.74 22.27 -22.68
C PHE A 76 -13.96 22.32 -21.18
N VAL A 77 -15.22 22.30 -20.76
CA VAL A 77 -15.59 22.14 -19.37
C VAL A 77 -16.65 21.05 -19.30
N ARG A 78 -16.34 19.97 -18.58
CA ARG A 78 -17.32 18.94 -18.26
C ARG A 78 -18.09 18.50 -19.50
N GLY A 79 -17.33 18.31 -20.58
CA GLY A 79 -17.86 17.69 -21.78
C GLY A 79 -18.40 18.66 -22.79
N LYS A 80 -18.42 19.96 -22.47
CA LYS A 80 -18.95 21.02 -23.33
C LYS A 80 -17.78 21.83 -23.88
N PHE A 81 -17.75 22.03 -25.20
CA PHE A 81 -16.82 22.98 -25.77
C PHE A 81 -17.19 24.39 -25.31
N ILE A 82 -16.23 25.08 -24.69
CA ILE A 82 -16.45 26.42 -24.18
C ILE A 82 -16.03 27.50 -25.17
N GLY A 83 -14.89 27.35 -25.83
CA GLY A 83 -14.52 28.35 -26.82
C GLY A 83 -13.08 28.28 -27.24
N ASP A 84 -12.78 29.05 -28.30
CA ASP A 84 -11.42 29.34 -28.73
C ASP A 84 -10.85 30.47 -27.88
N SER A 85 -9.77 31.13 -28.32
CA SER A 85 -9.16 32.16 -27.46
C SER A 85 -10.08 33.37 -27.34
N GLN A 86 -10.69 33.82 -28.45
CA GLN A 86 -11.51 35.02 -28.36
C GLN A 86 -12.69 34.81 -27.41
N THR A 87 -13.30 33.63 -27.47
CA THR A 87 -14.46 33.36 -26.62
C THR A 87 -14.04 33.28 -25.16
N VAL A 88 -12.93 32.60 -24.88
CA VAL A 88 -12.48 32.53 -23.49
C VAL A 88 -12.17 33.91 -22.94
N LEU A 89 -11.47 34.74 -23.73
CA LEU A 89 -11.20 36.10 -23.28
C LEU A 89 -12.47 36.93 -23.13
N LYS A 90 -13.48 36.67 -23.97
CA LYS A 90 -14.74 37.37 -23.80
C LYS A 90 -15.36 37.03 -22.45
N TYR A 91 -15.39 35.74 -22.10
CA TYR A 91 -15.94 35.34 -20.82
C TYR A 91 -15.16 36.02 -19.69
N TYR A 92 -13.84 36.07 -19.81
CA TYR A 92 -13.02 36.66 -18.76
C TYR A 92 -13.33 38.15 -18.62
N SER A 93 -13.32 38.89 -19.73
CA SER A 93 -13.48 40.33 -19.65
C SER A 93 -14.87 40.71 -19.16
N ASN A 94 -15.85 39.84 -19.33
CA ASN A 94 -17.21 40.08 -18.87
C ASN A 94 -17.50 39.48 -17.50
N ASP A 95 -16.47 38.98 -16.80
CA ASP A 95 -16.61 38.35 -15.49
C ASP A 95 -17.60 37.18 -15.52
N GLU A 96 -17.65 36.47 -16.65
CA GLU A 96 -18.49 35.29 -16.83
C GLU A 96 -17.71 34.00 -16.77
N LEU A 97 -16.38 34.06 -16.80
CA LEU A 97 -15.60 32.84 -16.91
C LEU A 97 -15.69 31.99 -15.65
N ALA A 98 -15.61 32.60 -14.48
CA ALA A 98 -15.68 31.82 -13.24
C ALA A 98 -16.96 31.01 -13.17
N GLY A 99 -18.10 31.63 -13.52
CA GLY A 99 -19.35 30.91 -13.52
C GLY A 99 -19.36 29.75 -14.50
N ILE A 100 -18.82 29.98 -15.70
CA ILE A 100 -18.73 28.93 -16.71
C ILE A 100 -17.93 27.73 -16.19
N VAL A 101 -16.72 27.98 -15.67
CA VAL A 101 -15.88 26.85 -15.27
C VAL A 101 -16.37 26.16 -14.01
N ASN A 102 -17.31 26.76 -13.27
CA ASN A 102 -17.87 26.15 -12.08
C ASN A 102 -19.21 25.46 -12.31
N GLU A 103 -19.79 25.56 -13.51
CA GLU A 103 -21.10 24.97 -13.74
C GLU A 103 -20.97 23.46 -13.88
N SER A 104 -21.80 22.73 -13.13
CA SER A 104 -21.75 21.27 -13.11
C SER A 104 -23.12 20.75 -12.69
N LYS A 105 -23.48 19.59 -13.24
CA LYS A 105 -24.68 18.90 -12.77
C LYS A 105 -24.53 18.38 -11.35
N TYR A 106 -23.30 18.30 -10.84
CA TYR A 106 -22.98 17.66 -9.58
C TYR A 106 -22.26 18.63 -8.64
N ASP A 107 -22.33 18.35 -7.34
CA ASP A 107 -21.56 19.14 -6.38
C ASP A 107 -20.07 19.06 -6.68
N TYR A 108 -19.58 17.86 -7.04
CA TYR A 108 -18.17 17.60 -7.26
C TYR A 108 -17.93 16.83 -8.55
N ASP A 109 -16.76 17.09 -9.16
CA ASP A 109 -16.29 16.23 -10.25
C ASP A 109 -15.89 14.85 -9.75
N LEU A 110 -15.38 14.80 -8.53
CA LEU A 110 -14.87 13.57 -7.96
C LEU A 110 -15.19 13.53 -6.49
N ILE A 111 -15.78 12.43 -6.03
CA ILE A 111 -15.89 12.13 -4.62
C ILE A 111 -15.08 10.87 -4.37
N VAL A 112 -14.10 10.98 -3.49
CA VAL A 112 -13.32 9.85 -3.03
C VAL A 112 -13.89 9.41 -1.69
N ILE A 113 -14.30 8.16 -1.59
CA ILE A 113 -14.76 7.61 -0.32
C ILE A 113 -13.57 6.85 0.21
N GLY A 114 -12.91 7.44 1.20
CA GLY A 114 -11.76 6.86 1.87
C GLY A 114 -10.53 7.71 1.74
N GLY A 115 -9.99 8.16 2.87
CA GLY A 115 -8.83 9.04 2.94
C GLY A 115 -7.57 8.31 3.34
N GLY A 116 -7.24 7.24 2.63
CA GLY A 116 -6.03 6.49 2.89
C GLY A 116 -5.02 6.59 1.77
N SER A 117 -4.18 5.58 1.64
CA SER A 117 -3.08 5.65 0.69
C SER A 117 -3.57 5.96 -0.72
N GLY A 118 -4.59 5.22 -1.16
CA GLY A 118 -5.10 5.40 -2.52
C GLY A 118 -5.96 6.64 -2.68
N GLY A 119 -6.92 6.83 -1.78
CA GLY A 119 -7.86 7.92 -1.92
C GLY A 119 -7.22 9.30 -1.84
N LEU A 120 -6.27 9.49 -0.91
CA LEU A 120 -5.60 10.77 -0.86
C LEU A 120 -4.77 11.00 -2.12
N ALA A 121 -4.10 9.96 -2.62
CA ALA A 121 -3.31 10.12 -3.83
C ALA A 121 -4.20 10.45 -5.01
N ALA A 122 -5.35 9.79 -5.11
CA ALA A 122 -6.28 10.05 -6.20
C ALA A 122 -6.87 11.44 -6.09
N GLY A 123 -7.28 11.84 -4.88
CA GLY A 123 -7.94 13.13 -4.75
C GLY A 123 -7.00 14.27 -5.04
N LYS A 124 -5.77 14.19 -4.50
CA LYS A 124 -4.81 15.27 -4.72
C LYS A 124 -4.46 15.40 -6.19
N GLU A 125 -4.28 14.26 -6.88
CA GLU A 125 -3.89 14.33 -8.27
C GLU A 125 -5.02 14.90 -9.13
N ALA A 126 -6.25 14.46 -8.87
CA ALA A 126 -7.40 14.96 -9.64
C ALA A 126 -7.51 16.47 -9.52
N ALA A 127 -7.34 17.00 -8.31
CA ALA A 127 -7.53 18.43 -8.11
C ALA A 127 -6.53 19.23 -8.91
N LYS A 128 -5.35 18.68 -9.19
CA LYS A 128 -4.38 19.38 -10.03
C LYS A 128 -4.96 19.74 -11.39
N TYR A 129 -5.90 18.97 -11.90
CA TYR A 129 -6.45 19.23 -13.23
C TYR A 129 -7.79 19.94 -13.19
N GLY A 130 -8.11 20.61 -12.08
CA GLY A 130 -9.34 21.36 -11.99
C GLY A 130 -10.54 20.54 -11.59
N ALA A 131 -10.36 19.27 -11.24
CA ALA A 131 -11.49 18.49 -10.76
C ALA A 131 -11.89 18.99 -9.37
N LYS A 132 -13.14 19.42 -9.23
CA LYS A 132 -13.64 19.80 -7.91
C LYS A 132 -13.82 18.53 -7.12
N THR A 133 -13.04 18.38 -6.05
CA THR A 133 -12.84 17.08 -5.41
C THR A 133 -13.20 17.15 -3.95
N ALA A 134 -13.87 16.11 -3.47
CA ALA A 134 -14.12 15.91 -2.04
C ALA A 134 -13.52 14.57 -1.64
N VAL A 135 -12.82 14.55 -0.52
CA VAL A 135 -12.28 13.31 0.05
C VAL A 135 -12.98 13.12 1.38
N LEU A 136 -13.65 11.97 1.53
CA LEU A 136 -14.32 11.58 2.76
C LEU A 136 -13.45 10.57 3.49
N ASP A 137 -13.25 10.78 4.80
CA ASP A 137 -12.58 9.76 5.58
C ASP A 137 -13.23 9.67 6.95
N TYR A 138 -13.40 8.44 7.41
CA TYR A 138 -13.97 8.15 8.70
C TYR A 138 -13.28 6.88 9.18
N VAL A 139 -12.88 6.87 10.44
CA VAL A 139 -12.19 5.72 11.01
C VAL A 139 -13.14 5.11 12.04
N GLU A 140 -13.74 3.97 11.70
CA GLU A 140 -14.63 3.33 12.65
C GLU A 140 -13.80 2.83 13.83
N PRO A 141 -14.16 3.12 15.07
CA PRO A 141 -13.30 2.70 16.19
C PRO A 141 -13.20 1.19 16.30
N THR A 142 -12.06 0.73 16.82
CA THR A 142 -11.90 -0.68 17.16
C THR A 142 -12.83 -1.04 18.31
N PRO A 143 -12.94 -2.33 18.63
CA PRO A 143 -13.80 -2.74 19.75
C PRO A 143 -13.44 -2.13 21.09
N ILE A 144 -12.16 -1.83 21.36
CA ILE A 144 -11.79 -1.16 22.60
C ILE A 144 -11.85 0.35 22.46
N GLY A 145 -12.19 0.87 21.28
CA GLY A 145 -12.39 2.29 21.10
C GLY A 145 -11.28 3.04 20.41
N THR A 146 -10.27 2.36 19.89
CA THR A 146 -9.14 3.04 19.28
C THR A 146 -9.58 3.69 17.98
N THR A 147 -9.18 4.95 17.81
CA THR A 147 -9.37 5.63 16.53
C THR A 147 -8.11 6.46 16.27
N TRP A 148 -8.07 7.09 15.09
CA TRP A 148 -6.89 7.85 14.64
C TRP A 148 -7.32 8.81 13.54
N GLY A 149 -6.36 9.58 13.03
CA GLY A 149 -6.61 10.67 12.12
C GLY A 149 -6.43 10.31 10.64
N LEU A 150 -6.39 11.36 9.82
CA LEU A 150 -6.44 11.19 8.36
C LEU A 150 -5.16 10.54 7.83
N GLY A 151 -5.31 9.69 6.80
CA GLY A 151 -4.15 9.07 6.16
C GLY A 151 -4.24 7.59 5.88
N GLY A 152 -5.16 6.88 6.53
CA GLY A 152 -5.40 5.49 6.22
C GLY A 152 -4.61 4.52 7.07
N THR A 153 -4.65 3.26 6.63
CA THR A 153 -4.08 2.15 7.39
C THR A 153 -2.56 2.24 7.48
N CYS A 154 -1.90 2.47 6.35
CA CYS A 154 -0.44 2.52 6.33
C CYS A 154 0.14 3.61 7.24
N VAL A 155 -0.46 4.79 7.19
CA VAL A 155 0.02 5.95 7.93
C VAL A 155 -0.16 5.74 9.43
N ASN A 156 -1.34 5.29 9.83
CA ASN A 156 -1.77 5.28 11.23
C ASN A 156 -1.54 3.96 11.94
N VAL A 157 -1.80 2.84 11.25
CA VAL A 157 -1.76 1.53 11.89
C VAL A 157 -1.14 0.46 11.02
N GLY A 158 -0.21 0.88 10.15
CA GLY A 158 0.38 -0.06 9.21
C GLY A 158 1.85 0.19 8.95
N CYS A 159 2.21 0.29 7.67
CA CYS A 159 3.61 0.44 7.28
C CYS A 159 4.46 1.45 8.03
N ILE A 160 3.89 2.58 8.44
CA ILE A 160 4.66 3.64 9.06
C ILE A 160 4.97 3.27 10.51
N PRO A 161 4.00 3.05 11.39
CA PRO A 161 4.37 2.68 12.77
C PRO A 161 5.05 1.34 12.86
N LYS A 162 4.65 0.38 12.02
CA LYS A 162 5.25 -0.95 11.98
C LYS A 162 6.74 -0.86 11.72
N LYS A 163 7.13 -0.08 10.71
CA LYS A 163 8.56 0.00 10.40
C LYS A 163 9.32 0.81 11.43
N LEU A 164 8.69 1.81 12.05
CA LEU A 164 9.36 2.53 13.13
C LEU A 164 9.63 1.62 14.33
N MET A 165 8.67 0.76 14.69
CA MET A 165 8.89 -0.17 15.79
C MET A 165 9.87 -1.26 15.39
N HIS A 166 9.87 -1.65 14.12
CA HIS A 166 10.92 -2.51 13.61
C HIS A 166 12.30 -1.87 13.80
N GLN A 167 12.39 -0.57 13.52
CA GLN A 167 13.66 0.10 13.68
C GLN A 167 14.07 0.16 15.16
N ALA A 168 13.12 0.37 16.06
CA ALA A 168 13.40 0.27 17.49
C ALA A 168 13.97 -1.09 17.82
N GLY A 169 13.42 -2.13 17.21
CA GLY A 169 13.92 -3.48 17.43
C GLY A 169 15.31 -3.69 16.84
N LEU A 170 15.53 -3.22 15.62
CA LEU A 170 16.86 -3.30 15.00
C LEU A 170 17.91 -2.57 15.82
N LEU A 171 17.52 -1.49 16.49
CA LEU A 171 18.47 -0.76 17.32
C LEU A 171 18.95 -1.58 18.51
N SER A 172 18.17 -2.58 18.95
CA SER A 172 18.65 -3.51 19.98
C SER A 172 19.91 -4.22 19.51
N HIS A 173 19.92 -4.69 18.26
CA HIS A 173 21.05 -5.44 17.75
C HIS A 173 22.19 -4.48 17.45
N ALA A 174 21.84 -3.24 17.20
CA ALA A 174 22.86 -2.22 17.06
C ALA A 174 23.57 -1.99 18.38
N LEU A 175 22.84 -1.99 19.51
CA LEU A 175 23.47 -1.87 20.82
C LEU A 175 24.38 -3.07 21.12
N GLU A 176 23.95 -4.27 20.73
CA GLU A 176 24.76 -5.47 20.90
C GLU A 176 26.05 -5.37 20.08
N ASP A 177 25.88 -5.01 18.80
CA ASP A 177 27.01 -4.91 17.87
C ASP A 177 28.02 -3.88 18.32
N ALA A 178 27.55 -2.76 18.86
CA ALA A 178 28.43 -1.62 19.12
C ALA A 178 29.61 -2.02 20.01
N GLU A 179 29.41 -2.93 20.96
CA GLU A 179 30.50 -3.34 21.83
C GLU A 179 31.62 -4.04 21.05
N HIS A 180 31.25 -4.91 20.13
CA HIS A 180 32.24 -5.60 19.34
C HIS A 180 33.02 -4.63 18.45
N PHE A 181 32.40 -3.51 18.07
CA PHE A 181 33.05 -2.51 17.25
C PHE A 181 33.75 -1.47 18.08
N GLY A 182 33.86 -1.66 19.39
CA GLY A 182 34.72 -0.86 20.24
C GLY A 182 34.02 0.12 21.16
N TRP A 183 32.69 0.22 21.09
CA TRP A 183 31.97 1.15 21.94
C TRP A 183 31.81 0.54 23.34
N SER A 184 32.04 1.35 24.35
CA SER A 184 32.01 0.86 25.74
C SER A 184 30.64 1.23 26.31
N LEU A 185 29.77 0.25 26.44
CA LEU A 185 28.45 0.48 27.03
C LEU A 185 28.06 -0.74 27.84
N ASP A 186 27.35 -0.49 28.96
CA ASP A 186 26.88 -1.55 29.87
C ASP A 186 25.44 -1.90 29.51
N ARG A 187 25.26 -2.92 28.64
CA ARG A 187 23.94 -3.40 28.27
C ARG A 187 23.10 -3.82 29.48
N SER A 188 23.75 -4.31 30.55
CA SER A 188 22.99 -4.81 31.69
C SER A 188 22.20 -3.73 32.39
N LYS A 189 22.45 -2.45 32.08
CA LYS A 189 21.62 -1.37 32.58
C LYS A 189 20.73 -0.76 31.50
N ILE A 190 20.70 -1.35 30.31
CA ILE A 190 19.92 -0.80 29.19
C ILE A 190 18.60 -1.54 29.08
N SER A 191 17.51 -0.81 29.06
CA SER A 191 16.19 -1.38 28.90
C SER A 191 15.41 -0.52 27.92
N HIS A 192 14.28 -1.04 27.47
CA HIS A 192 13.44 -0.34 26.51
C HIS A 192 12.15 0.12 27.20
N ASN A 193 11.71 1.33 26.87
CA ASN A 193 10.48 1.90 27.40
C ASN A 193 9.49 1.99 26.25
N TRP A 194 8.48 1.12 26.30
CA TRP A 194 7.45 1.05 25.27
C TRP A 194 6.76 2.38 25.05
N SER A 195 6.27 2.99 26.14
CA SER A 195 5.49 4.20 26.00
CA SER A 195 5.48 4.19 25.97
C SER A 195 6.31 5.35 25.44
N THR A 196 7.60 5.43 25.78
CA THR A 196 8.45 6.44 25.13
C THR A 196 8.52 6.25 23.64
N MET A 197 8.63 4.99 23.19
CA MET A 197 8.64 4.70 21.77
C MET A 197 7.31 5.07 21.14
N VAL A 198 6.21 4.66 21.75
CA VAL A 198 4.89 4.95 21.18
C VAL A 198 4.67 6.45 21.06
N GLU A 199 5.07 7.20 22.07
CA GLU A 199 4.91 8.65 21.99
C GLU A 199 5.65 9.24 20.81
N GLY A 200 6.88 8.77 20.55
CA GLY A 200 7.60 9.25 19.36
C GLY A 200 6.92 8.86 18.07
N VAL A 201 6.48 7.60 17.97
CA VAL A 201 5.80 7.13 16.77
C VAL A 201 4.53 7.93 16.54
N GLN A 202 3.77 8.16 17.61
CA GLN A 202 2.49 8.86 17.48
C GLN A 202 2.69 10.33 17.16
N SER A 203 3.77 10.94 17.65
CA SER A 203 4.07 12.31 17.25
C SER A 203 4.33 12.41 15.75
N HIS A 204 5.05 11.44 15.19
CA HIS A 204 5.26 11.45 13.75
C HIS A 204 3.95 11.24 13.00
N ILE A 205 3.17 10.25 13.42
CA ILE A 205 1.87 10.02 12.78
C ILE A 205 1.01 11.29 12.84
N GLY A 206 1.02 11.96 13.97
CA GLY A 206 0.26 13.21 14.10
C GLY A 206 0.72 14.25 13.09
N SER A 207 2.02 14.33 12.85
CA SER A 207 2.51 15.26 11.83
C SER A 207 2.04 14.85 10.44
N LEU A 208 1.86 13.56 10.18
CA LEU A 208 1.32 13.13 8.89
C LEU A 208 -0.17 13.46 8.78
N ASN A 209 -0.96 13.16 9.82
CA ASN A 209 -2.38 13.52 9.83
C ASN A 209 -2.55 15.00 9.47
N TRP A 210 -1.78 15.84 10.14
CA TRP A 210 -1.87 17.29 9.95
C TRP A 210 -1.39 17.69 8.57
N GLY A 211 -0.29 17.10 8.11
CA GLY A 211 0.23 17.39 6.78
C GLY A 211 -0.77 17.06 5.67
N TYR A 212 -1.48 15.94 5.80
CA TYR A 212 -2.48 15.61 4.80
C TYR A 212 -3.62 16.63 4.80
N LYS A 213 -4.04 17.07 5.99
CA LYS A 213 -5.11 18.05 6.02
C LYS A 213 -4.67 19.36 5.36
N VAL A 214 -3.43 19.76 5.62
CA VAL A 214 -2.88 20.96 4.98
C VAL A 214 -2.76 20.75 3.48
N ALA A 215 -2.29 19.57 3.08
CA ALA A 215 -2.13 19.28 1.66
C ALA A 215 -3.46 19.41 0.93
N LEU A 216 -4.53 18.85 1.49
CA LEU A 216 -5.84 18.92 0.86
C LEU A 216 -6.34 20.36 0.79
N ARG A 217 -6.14 21.11 1.88
CA ARG A 217 -6.54 22.52 1.88
C ARG A 217 -5.79 23.28 0.80
N ASP A 218 -4.47 23.08 0.74
CA ASP A 218 -3.64 23.82 -0.21
C ASP A 218 -3.93 23.47 -1.67
N ASN A 219 -4.54 22.31 -1.92
CA ASN A 219 -4.96 21.92 -3.26
C ASN A 219 -6.45 22.13 -3.51
N GLN A 220 -7.14 22.85 -2.62
CA GLN A 220 -8.56 23.16 -2.79
C GLN A 220 -9.43 21.92 -2.84
N VAL A 221 -9.00 20.87 -2.16
CA VAL A 221 -9.80 19.67 -1.98
C VAL A 221 -10.63 19.83 -0.71
N THR A 222 -11.91 19.46 -0.79
CA THR A 222 -12.78 19.47 0.38
C THR A 222 -12.59 18.19 1.16
N TYR A 223 -12.19 18.32 2.42
CA TYR A 223 -12.02 17.16 3.29
C TYR A 223 -13.18 17.11 4.27
N LEU A 224 -13.92 16.01 4.22
CA LEU A 224 -15.05 15.79 5.11
C LEU A 224 -14.73 14.57 5.98
N ASN A 225 -14.67 14.79 7.28
CA ASN A 225 -14.49 13.70 8.25
C ASN A 225 -15.88 13.11 8.52
N ALA A 226 -16.30 12.27 7.58
CA ALA A 226 -17.68 11.79 7.52
C ALA A 226 -17.69 10.42 6.85
N LYS A 227 -18.61 9.56 7.31
CA LYS A 227 -18.78 8.25 6.71
C LYS A 227 -19.61 8.39 5.44
N GLY A 228 -19.09 7.91 4.32
CA GLY A 228 -19.77 8.01 3.05
C GLY A 228 -20.41 6.68 2.66
N ARG A 229 -21.59 6.77 2.04
CA ARG A 229 -22.31 5.60 1.60
C ARG A 229 -22.83 5.91 0.20
N LEU A 230 -22.44 5.10 -0.76
CA LEU A 230 -22.89 5.30 -2.15
C LEU A 230 -24.30 4.74 -2.28
N ILE A 231 -25.29 5.61 -2.48
CA ILE A 231 -26.69 5.18 -2.55
C ILE A 231 -27.24 5.12 -3.97
N SER A 232 -26.65 5.84 -4.91
CA SER A 232 -26.92 5.73 -6.34
C SER A 232 -25.63 6.10 -7.06
N PRO A 233 -25.56 5.90 -8.37
CA PRO A 233 -24.24 6.09 -9.04
C PRO A 233 -23.58 7.43 -8.76
N HIS A 234 -24.37 8.50 -8.57
CA HIS A 234 -23.79 9.83 -8.38
C HIS A 234 -24.07 10.44 -7.01
N GLU A 235 -24.69 9.72 -6.09
CA GLU A 235 -25.11 10.28 -4.81
C GLU A 235 -24.43 9.55 -3.68
N VAL A 236 -23.77 10.30 -2.82
CA VAL A 236 -23.05 9.77 -1.67
C VAL A 236 -23.71 10.37 -0.45
N GLN A 237 -24.28 9.51 0.38
CA GLN A 237 -24.85 9.97 1.64
C GLN A 237 -23.73 10.02 2.66
N ILE A 238 -23.62 11.13 3.38
CA ILE A 238 -22.57 11.32 4.37
C ILE A 238 -23.19 11.50 5.75
N THR A 239 -22.54 10.91 6.75
CA THR A 239 -22.93 11.08 8.15
C THR A 239 -21.72 11.63 8.90
N ASP A 240 -21.91 12.76 9.57
CA ASP A 240 -20.79 13.45 10.20
C ASP A 240 -20.68 13.06 11.66
N LYS A 241 -19.79 13.73 12.39
CA LYS A 241 -19.55 13.42 13.79
C LYS A 241 -20.84 13.58 14.61
N ASN A 242 -21.65 14.57 14.25
CA ASN A 242 -22.88 14.89 14.98
C ASN A 242 -24.05 14.02 14.55
N GLN A 243 -23.81 12.97 13.77
CA GLN A 243 -24.85 12.13 13.20
C GLN A 243 -25.72 12.87 12.21
N LYS A 244 -25.31 14.05 11.77
CA LYS A 244 -26.07 14.75 10.74
C LYS A 244 -25.87 14.07 9.40
N VAL A 245 -26.97 13.75 8.72
CA VAL A 245 -26.97 13.04 7.46
C VAL A 245 -27.30 14.03 6.35
N SER A 246 -26.50 14.03 5.29
CA SER A 246 -26.80 14.79 4.10
C SER A 246 -26.35 14.01 2.88
N THR A 247 -26.64 14.56 1.70
CA THR A 247 -26.25 13.91 0.45
C THR A 247 -25.47 14.90 -0.38
N ILE A 248 -24.37 14.43 -0.95
CA ILE A 248 -23.61 15.18 -1.93
C ILE A 248 -23.54 14.36 -3.21
N THR A 249 -23.41 15.06 -4.32
CA THR A 249 -23.39 14.41 -5.62
C THR A 249 -22.03 14.59 -6.28
N GLY A 250 -21.64 13.60 -7.06
CA GLY A 250 -20.35 13.62 -7.73
C GLY A 250 -20.46 12.97 -9.09
N ASN A 251 -19.64 13.45 -10.02
CA ASN A 251 -19.63 12.86 -11.36
C ASN A 251 -18.94 11.50 -11.30
N LYS A 252 -17.64 11.48 -11.03
CA LYS A 252 -16.88 10.27 -10.80
C LYS A 252 -16.79 9.97 -9.31
N ILE A 253 -16.84 8.70 -8.96
CA ILE A 253 -16.74 8.25 -7.59
C ILE A 253 -15.56 7.27 -7.54
N ILE A 254 -14.68 7.45 -6.56
CA ILE A 254 -13.63 6.47 -6.29
C ILE A 254 -13.87 5.85 -4.93
N LEU A 255 -14.08 4.55 -4.93
CA LEU A 255 -14.16 3.76 -3.71
C LEU A 255 -12.73 3.39 -3.30
N ALA A 256 -12.30 3.84 -2.11
CA ALA A 256 -10.95 3.63 -1.62
C ALA A 256 -11.00 3.38 -0.11
N THR A 257 -11.89 2.47 0.31
CA THR A 257 -12.25 2.33 1.72
C THR A 257 -11.44 1.28 2.46
N GLY A 258 -10.60 0.50 1.77
CA GLY A 258 -9.64 -0.35 2.50
C GLY A 258 -10.32 -1.49 3.28
N GLU A 259 -9.55 -2.06 4.20
CA GLU A 259 -9.98 -3.21 4.99
C GLU A 259 -9.73 -2.96 6.48
N ARG A 260 -10.21 -3.87 7.31
CA ARG A 260 -9.89 -3.85 8.73
C ARG A 260 -9.60 -5.27 9.19
N PRO A 261 -8.99 -5.41 10.35
CA PRO A 261 -8.63 -6.74 10.86
C PRO A 261 -9.85 -7.63 11.11
N LYS A 262 -9.65 -8.92 10.84
CA LYS A 262 -10.58 -9.98 11.22
C LYS A 262 -10.30 -10.49 12.62
N TYR A 263 -11.38 -10.95 13.30
CA TYR A 263 -11.24 -11.71 14.54
C TYR A 263 -11.73 -13.13 14.31
N PRO A 264 -11.13 -14.13 14.93
CA PRO A 264 -11.76 -15.45 14.92
C PRO A 264 -12.98 -15.47 15.83
N GLU A 265 -13.89 -16.38 15.52
CA GLU A 265 -15.13 -16.49 16.27
C GLU A 265 -14.88 -17.49 17.39
N ILE A 266 -14.19 -17.02 18.41
CA ILE A 266 -13.99 -17.79 19.63
C ILE A 266 -14.33 -16.92 20.83
N PRO A 267 -14.79 -17.50 21.94
CA PRO A 267 -15.13 -16.67 23.09
C PRO A 267 -13.93 -15.88 23.56
N GLY A 268 -14.16 -14.60 23.85
CA GLY A 268 -13.16 -13.75 24.41
C GLY A 268 -12.31 -13.01 23.40
N ALA A 269 -12.39 -13.34 22.11
CA ALA A 269 -11.43 -12.76 21.18
C ALA A 269 -11.66 -11.26 21.04
N VAL A 270 -12.89 -10.84 20.81
CA VAL A 270 -13.18 -9.43 20.64
C VAL A 270 -13.05 -8.70 21.97
N GLU A 271 -13.48 -9.35 23.06
CA GLU A 271 -13.51 -8.69 24.35
C GLU A 271 -12.10 -8.43 24.90
N TYR A 272 -11.18 -9.39 24.74
CA TYR A 272 -9.92 -9.38 25.46
C TYR A 272 -8.68 -9.31 24.59
N GLY A 273 -8.78 -9.65 23.31
CA GLY A 273 -7.65 -9.53 22.42
C GLY A 273 -7.59 -8.15 21.80
N ILE A 274 -6.49 -7.89 21.09
CA ILE A 274 -6.32 -6.68 20.31
C ILE A 274 -5.86 -7.08 18.92
N THR A 275 -5.84 -6.11 18.01
CA THR A 275 -5.21 -6.28 16.71
C THR A 275 -4.15 -5.18 16.48
N SER A 276 -3.55 -5.25 15.28
CA SER A 276 -2.58 -4.23 14.86
C SER A 276 -3.18 -2.83 14.93
N ASP A 277 -4.51 -2.70 14.77
CA ASP A 277 -5.17 -1.39 14.84
C ASP A 277 -4.96 -0.75 16.20
N ASP A 278 -4.92 -1.57 17.25
CA ASP A 278 -4.72 -1.09 18.62
C ASP A 278 -3.24 -1.02 19.00
N LEU A 279 -2.43 -1.94 18.46
CA LEU A 279 -1.05 -2.09 18.93
C LEU A 279 -0.26 -0.82 18.81
N PHE A 280 -0.41 -0.09 17.69
CA PHE A 280 0.53 0.97 17.37
C PHE A 280 0.30 2.24 18.19
N SER A 281 -0.80 2.34 18.94
CA SER A 281 -0.99 3.42 19.90
C SER A 281 -1.22 2.91 21.31
N LEU A 282 -0.88 1.65 21.60
CA LEU A 282 -1.24 1.02 22.85
C LEU A 282 -0.66 1.79 24.04
N PRO A 283 -1.49 2.23 24.99
CA PRO A 283 -0.99 3.13 26.03
C PRO A 283 -0.28 2.41 27.15
N TYR A 284 -0.31 1.08 27.15
CA TYR A 284 0.41 0.24 28.10
C TYR A 284 1.35 -0.69 27.33
N PHE A 285 2.40 -1.17 27.99
CA PHE A 285 3.28 -2.11 27.32
CA PHE A 285 3.29 -2.11 27.36
C PHE A 285 2.58 -3.46 27.21
N PRO A 286 2.68 -4.14 26.06
CA PRO A 286 1.95 -5.41 25.92
C PRO A 286 2.38 -6.46 26.91
N GLY A 287 3.65 -6.46 27.32
CA GLY A 287 4.16 -7.50 28.20
C GLY A 287 4.25 -8.82 27.47
N LYS A 288 4.10 -9.90 28.22
CA LYS A 288 4.16 -11.24 27.65
C LYS A 288 3.02 -11.41 26.66
N THR A 289 3.36 -11.69 25.42
CA THR A 289 2.45 -11.55 24.30
C THR A 289 2.31 -12.83 23.52
N LEU A 290 1.07 -13.13 23.15
CA LEU A 290 0.76 -14.20 22.21
C LEU A 290 0.23 -13.54 20.95
N VAL A 291 0.87 -13.82 19.81
CA VAL A 291 0.36 -13.43 18.50
C VAL A 291 -0.29 -14.66 17.89
N ILE A 292 -1.58 -14.56 17.58
CA ILE A 292 -2.32 -15.63 16.91
C ILE A 292 -2.37 -15.27 15.43
N GLY A 293 -1.69 -16.06 14.61
CA GLY A 293 -1.62 -15.74 13.21
C GLY A 293 -0.25 -16.03 12.64
N ALA A 294 -0.14 -16.02 11.33
CA ALA A 294 1.10 -16.40 10.67
C ALA A 294 1.32 -15.57 9.41
N SER A 295 0.56 -14.49 9.24
CA SER A 295 0.73 -13.51 8.19
C SER A 295 1.98 -12.67 8.40
N TYR A 296 2.29 -11.82 7.41
CA TYR A 296 3.43 -10.93 7.59
C TYR A 296 3.18 -9.96 8.72
N VAL A 297 1.91 -9.60 8.97
CA VAL A 297 1.63 -8.72 10.11
C VAL A 297 1.98 -9.42 11.40
N ALA A 298 1.50 -10.66 11.54
CA ALA A 298 1.78 -11.44 12.73
C ALA A 298 3.26 -11.52 12.99
N LEU A 299 4.04 -11.89 11.96
CA LEU A 299 5.45 -12.14 12.19
C LEU A 299 6.21 -10.86 12.40
N GLU A 300 5.82 -9.79 11.68
CA GLU A 300 6.45 -8.50 11.91
C GLU A 300 6.24 -8.01 13.34
N CYS A 301 5.01 -8.09 13.84
CA CYS A 301 4.71 -7.63 15.19
C CYS A 301 5.40 -8.48 16.23
N ALA A 302 5.31 -9.80 16.10
CA ALA A 302 6.05 -10.68 17.01
C ALA A 302 7.52 -10.34 17.02
N GLY A 303 8.07 -10.12 15.82
CA GLY A 303 9.49 -9.87 15.71
C GLY A 303 9.96 -8.64 16.47
N PHE A 304 9.30 -7.48 16.25
CA PHE A 304 9.82 -6.32 16.97
C PHE A 304 9.52 -6.39 18.46
N LEU A 305 8.41 -7.02 18.86
CA LEU A 305 8.14 -7.12 20.28
C LEU A 305 9.21 -7.95 20.96
N ALA A 306 9.69 -9.01 20.30
CA ALA A 306 10.73 -9.83 20.91
C ALA A 306 12.06 -9.08 20.97
N SER A 307 12.40 -8.32 19.92
CA SER A 307 13.65 -7.57 19.94
C SER A 307 13.62 -6.41 20.93
N LEU A 308 12.44 -5.92 21.28
CA LEU A 308 12.39 -4.96 22.35
C LEU A 308 12.55 -5.59 23.73
N GLY A 309 12.74 -6.91 23.79
CA GLY A 309 12.94 -7.60 25.05
C GLY A 309 11.76 -8.38 25.55
N GLY A 310 10.68 -8.48 24.76
CA GLY A 310 9.46 -9.09 25.25
C GLY A 310 9.47 -10.60 25.13
N ASP A 311 8.60 -11.22 25.93
CA ASP A 311 8.38 -12.66 25.93
C ASP A 311 7.25 -12.92 24.94
N VAL A 312 7.58 -13.46 23.77
CA VAL A 312 6.68 -13.51 22.63
C VAL A 312 6.51 -14.93 22.14
N THR A 313 5.26 -15.30 21.90
CA THR A 313 4.88 -16.56 21.29
C THR A 313 3.97 -16.30 20.09
N VAL A 314 4.17 -17.06 19.02
CA VAL A 314 3.33 -17.01 17.83
C VAL A 314 2.61 -18.36 17.71
N MET A 315 1.28 -18.31 17.62
CA MET A 315 0.49 -19.53 17.44
C MET A 315 0.17 -19.74 15.96
N VAL A 316 0.62 -20.86 15.41
CA VAL A 316 0.60 -21.13 13.98
C VAL A 316 -0.30 -22.33 13.70
N ARG A 317 -1.37 -22.11 12.93
CA ARG A 317 -2.31 -23.18 12.63
C ARG A 317 -1.68 -24.22 11.71
N SER A 318 -1.00 -23.77 10.65
CA SER A 318 -0.39 -24.68 9.68
C SER A 318 0.98 -24.17 9.28
N ILE A 319 1.06 -23.22 8.35
CA ILE A 319 2.34 -22.75 7.81
C ILE A 319 2.48 -21.26 8.03
N LEU A 320 3.70 -20.77 7.79
CA LEU A 320 3.98 -19.35 7.84
C LEU A 320 3.79 -18.74 6.46
N LEU A 321 3.32 -17.50 6.43
CA LEU A 321 3.33 -16.69 5.21
C LEU A 321 2.77 -17.44 4.01
N ARG A 322 1.59 -18.06 4.18
CA ARG A 322 0.92 -18.68 3.05
C ARG A 322 0.83 -17.68 1.89
N GLY A 323 1.10 -18.17 0.68
CA GLY A 323 1.16 -17.34 -0.50
C GLY A 323 2.55 -16.84 -0.85
N PHE A 324 3.47 -16.83 0.10
CA PHE A 324 4.86 -16.46 -0.13
C PHE A 324 5.67 -17.72 -0.38
N ASP A 325 6.81 -17.55 -1.04
CA ASP A 325 7.77 -18.63 -1.21
C ASP A 325 8.03 -19.35 0.10
N GLN A 326 7.72 -20.65 0.14
CA GLN A 326 7.71 -21.34 1.43
C GLN A 326 9.12 -21.66 1.91
N GLN A 327 10.09 -21.83 1.01
CA GLN A 327 11.47 -21.95 1.47
C GLN A 327 11.89 -20.70 2.23
N MET A 328 11.61 -19.53 1.65
CA MET A 328 11.94 -18.28 2.31
C MET A 328 11.16 -18.10 3.61
N ALA A 329 9.88 -18.47 3.61
CA ALA A 329 9.08 -18.31 4.82
C ALA A 329 9.66 -19.12 5.96
N GLU A 330 10.10 -20.34 5.68
CA GLU A 330 10.69 -21.17 6.72
C GLU A 330 11.99 -20.56 7.23
N LYS A 331 12.82 -20.02 6.34
CA LYS A 331 14.05 -19.36 6.77
C LYS A 331 13.73 -18.15 7.63
N VAL A 332 12.70 -17.40 7.27
CA VAL A 332 12.28 -16.23 8.05
C VAL A 332 11.92 -16.66 9.47
N GLY A 333 11.07 -17.69 9.58
CA GLY A 333 10.64 -18.16 10.89
C GLY A 333 11.76 -18.80 11.68
N ASP A 334 12.63 -19.53 11.00
CA ASP A 334 13.78 -20.15 11.70
C ASP A 334 14.64 -19.08 12.37
N TYR A 335 14.93 -18.00 11.65
CA TYR A 335 15.71 -16.91 12.23
C TYR A 335 15.02 -16.40 13.49
N MET A 336 13.70 -16.18 13.43
CA MET A 336 12.97 -15.64 14.57
C MET A 336 13.04 -16.58 15.76
N GLU A 337 12.84 -17.88 15.51
CA GLU A 337 12.89 -18.87 16.58
C GLU A 337 14.27 -18.92 17.23
N ASN A 338 15.31 -18.72 16.43
CA ASN A 338 16.67 -18.72 16.94
C ASN A 338 16.99 -17.43 17.69
N HIS A 339 16.15 -16.42 17.55
CA HIS A 339 16.37 -15.11 18.15
C HIS A 339 15.21 -14.69 19.04
N GLY A 340 14.67 -15.64 19.77
CA GLY A 340 13.85 -15.31 20.92
C GLY A 340 12.36 -15.48 20.74
N VAL A 341 11.87 -15.72 19.54
CA VAL A 341 10.44 -15.87 19.32
C VAL A 341 10.07 -17.33 19.48
N LYS A 342 9.15 -17.63 20.38
CA LYS A 342 8.60 -18.98 20.52
C LYS A 342 7.46 -19.22 19.57
N PHE A 343 7.38 -20.44 19.07
CA PHE A 343 6.33 -20.83 18.14
C PHE A 343 5.54 -22.00 18.71
N ALA A 344 4.23 -21.83 18.80
CA ALA A 344 3.31 -22.92 19.11
C ALA A 344 2.76 -23.39 17.78
N LYS A 345 3.36 -24.47 17.26
CA LYS A 345 3.10 -24.96 15.92
C LYS A 345 1.95 -25.97 15.90
N LEU A 346 1.23 -25.96 14.77
CA LEU A 346 0.10 -26.86 14.53
C LEU A 346 -0.92 -26.71 15.65
N CYS A 347 -1.25 -25.46 15.95
CA CYS A 347 -2.03 -25.12 17.13
C CYS A 347 -3.08 -24.08 16.78
N VAL A 348 -4.28 -24.22 17.35
CA VAL A 348 -5.35 -23.23 17.20
C VAL A 348 -5.95 -22.85 18.54
N PRO A 349 -6.45 -21.63 18.66
CA PRO A 349 -7.07 -21.19 19.92
C PRO A 349 -8.53 -21.59 20.00
N ASP A 350 -8.96 -21.88 21.23
CA ASP A 350 -10.37 -22.20 21.51
C ASP A 350 -11.10 -21.16 22.31
N GLU A 351 -10.41 -20.45 23.21
CA GLU A 351 -11.04 -19.59 24.19
C GLU A 351 -10.00 -18.61 24.74
N ILE A 352 -10.39 -17.35 24.90
CA ILE A 352 -9.61 -16.40 25.69
C ILE A 352 -10.42 -16.05 26.94
N LYS A 353 -9.83 -16.20 28.11
CA LYS A 353 -10.48 -15.86 29.36
C LYS A 353 -9.71 -14.74 30.04
N GLN A 354 -10.42 -13.85 30.73
CA GLN A 354 -9.77 -12.70 31.34
C GLN A 354 -9.39 -13.03 32.79
N LEU A 355 -8.13 -12.75 33.15
CA LEU A 355 -7.64 -12.90 34.52
C LEU A 355 -7.37 -11.57 35.23
N LYS A 356 -7.03 -10.52 34.48
CA LYS A 356 -6.90 -9.17 35.00
C LYS A 356 -7.32 -8.19 33.91
N VAL A 357 -8.01 -7.15 34.32
CA VAL A 357 -8.40 -6.04 33.46
C VAL A 357 -7.21 -5.11 33.25
N VAL A 358 -7.18 -4.46 32.08
CA VAL A 358 -6.13 -3.49 31.77
C VAL A 358 -6.20 -2.33 32.76
N ASP A 359 -5.03 -1.86 33.19
CA ASP A 359 -4.90 -0.77 34.16
C ASP A 359 -4.76 0.52 33.37
N THR A 360 -5.89 1.23 33.26
CA THR A 360 -5.98 2.50 32.53
C THR A 360 -5.27 3.64 33.25
N GLU A 361 -5.08 3.52 34.55
CA GLU A 361 -4.50 4.59 35.34
C GLU A 361 -2.99 4.53 35.32
N ASN A 362 -2.43 3.34 35.51
CA ASN A 362 -0.98 3.15 35.58
C ASN A 362 -0.39 2.61 34.28
N ASN A 363 -1.19 2.41 33.25
CA ASN A 363 -0.70 1.94 31.94
C ASN A 363 0.11 0.64 32.08
N LYS A 364 -0.58 -0.37 32.58
CA LYS A 364 -0.11 -1.74 32.60
C LYS A 364 -1.11 -2.65 31.90
N PRO A 365 -0.64 -3.70 31.24
CA PRO A 365 -1.58 -4.65 30.61
C PRO A 365 -2.36 -5.40 31.68
N GLY A 366 -3.44 -6.04 31.23
CA GLY A 366 -4.12 -7.05 32.02
C GLY A 366 -3.44 -8.39 31.96
N LEU A 367 -4.24 -9.45 32.07
CA LEU A 367 -3.73 -10.81 32.03
C LEU A 367 -4.84 -11.72 31.49
N LEU A 368 -4.46 -12.66 30.62
CA LEU A 368 -5.38 -13.51 29.88
C LEU A 368 -4.93 -14.95 29.97
N LEU A 369 -5.89 -15.86 30.00
CA LEU A 369 -5.63 -17.28 29.86
C LEU A 369 -6.08 -17.69 28.47
N VAL A 370 -5.15 -18.24 27.69
CA VAL A 370 -5.48 -18.72 26.35
C VAL A 370 -5.53 -20.23 26.40
N LYS A 371 -6.67 -20.80 26.00
CA LYS A 371 -6.85 -22.24 25.86
C LYS A 371 -6.94 -22.56 24.37
N GLY A 372 -6.23 -23.60 23.96
CA GLY A 372 -6.24 -24.04 22.59
C GLY A 372 -5.90 -25.51 22.47
N HIS A 373 -5.63 -25.99 21.26
CA HIS A 373 -5.26 -27.39 21.13
C HIS A 373 -4.38 -27.59 19.90
N TYR A 374 -3.49 -28.56 20.04
CA TYR A 374 -2.59 -28.95 18.96
C TYR A 374 -3.20 -30.08 18.15
N THR A 375 -2.66 -30.26 16.93
CA THR A 375 -3.19 -31.31 16.06
C THR A 375 -2.99 -32.69 16.66
N ASP A 376 -2.02 -32.88 17.55
CA ASP A 376 -1.81 -34.21 18.12
C ASP A 376 -2.69 -34.46 19.34
N GLY A 377 -3.59 -33.53 19.65
CA GLY A 377 -4.57 -33.74 20.68
C GLY A 377 -4.18 -33.16 22.02
N LYS A 378 -2.96 -32.70 22.16
CA LYS A 378 -2.56 -32.09 23.41
C LYS A 378 -3.19 -30.70 23.55
N LYS A 379 -3.43 -30.33 24.78
CA LYS A 379 -4.07 -29.05 25.06
C LYS A 379 -3.00 -27.97 25.18
N PHE A 380 -3.38 -26.77 24.75
CA PHE A 380 -2.58 -25.57 24.95
C PHE A 380 -3.28 -24.75 26.04
N GLU A 381 -2.53 -24.35 27.06
CA GLU A 381 -3.13 -23.53 28.13
C GLU A 381 -2.01 -22.71 28.75
N GLU A 382 -2.03 -21.40 28.50
CA GLU A 382 -0.91 -20.56 28.90
CA GLU A 382 -0.93 -20.56 28.94
C GLU A 382 -1.44 -19.15 29.15
N GLU A 383 -0.81 -18.45 30.09
CA GLU A 383 -1.18 -17.08 30.41
C GLU A 383 -0.34 -16.10 29.61
N PHE A 384 -1.00 -15.02 29.17
CA PHE A 384 -0.38 -13.94 28.44
C PHE A 384 -0.95 -12.63 28.92
N GLU A 385 -0.12 -11.58 28.90
CA GLU A 385 -0.60 -10.26 29.25
C GLU A 385 -1.34 -9.61 28.10
N THR A 386 -0.95 -9.92 26.84
CA THR A 386 -1.58 -9.39 25.64
C THR A 386 -1.73 -10.49 24.60
N VAL A 387 -2.87 -10.52 23.92
CA VAL A 387 -3.14 -11.45 22.82
C VAL A 387 -3.48 -10.63 21.59
N ILE A 388 -2.67 -10.76 20.56
CA ILE A 388 -2.85 -10.04 19.30
C ILE A 388 -3.35 -11.02 18.26
N PHE A 389 -4.51 -10.73 17.66
CA PHE A 389 -4.99 -11.48 16.51
C PHE A 389 -4.49 -10.84 15.23
N ALA A 390 -3.82 -11.63 14.40
CA ALA A 390 -3.36 -11.22 13.08
C ALA A 390 -3.70 -12.36 12.12
N VAL A 391 -4.99 -12.52 11.86
CA VAL A 391 -5.54 -13.65 11.12
C VAL A 391 -6.22 -13.19 9.83
N GLY A 392 -5.81 -12.06 9.30
CA GLY A 392 -6.29 -11.59 8.02
C GLY A 392 -7.07 -10.30 8.19
N ARG A 393 -7.38 -9.71 7.04
CA ARG A 393 -8.07 -8.44 6.95
C ARG A 393 -9.18 -8.60 5.92
N GLU A 394 -10.22 -7.78 6.03
CA GLU A 394 -11.36 -7.95 5.12
C GLU A 394 -12.00 -6.60 4.83
N PRO A 395 -12.58 -6.42 3.65
CA PRO A 395 -13.27 -5.17 3.34
C PRO A 395 -14.58 -5.10 4.11
N GLN A 396 -15.20 -3.93 4.12
CA GLN A 396 -16.49 -3.85 4.79
C GLN A 396 -17.46 -2.95 4.03
N LEU A 397 -17.69 -3.33 2.78
CA LEU A 397 -18.41 -2.47 1.85
C LEU A 397 -19.92 -2.44 2.01
N SER A 398 -20.56 -3.44 2.59
CA SER A 398 -22.01 -3.32 2.70
C SER A 398 -22.37 -2.13 3.59
N LYS A 399 -21.42 -1.64 4.39
CA LYS A 399 -21.54 -0.35 5.07
C LYS A 399 -21.38 0.82 4.13
N VAL A 400 -20.78 0.61 2.96
CA VAL A 400 -20.32 1.71 2.13
C VAL A 400 -21.10 1.84 0.82
N LEU A 401 -21.58 0.74 0.24
CA LEU A 401 -22.45 0.83 -0.93
C LEU A 401 -23.71 0.04 -0.68
N CYS A 402 -24.84 0.68 -0.95
CA CYS A 402 -26.10 -0.03 -0.99
C CYS A 402 -26.07 -1.08 -2.09
N GLU A 403 -26.65 -2.24 -1.80
CA GLU A 403 -26.72 -3.30 -2.79
C GLU A 403 -27.40 -2.86 -4.09
N THR A 404 -28.28 -1.86 -4.03
CA THR A 404 -29.03 -1.49 -5.21
C THR A 404 -28.23 -0.69 -6.22
N VAL A 405 -27.02 -0.26 -5.87
CA VAL A 405 -26.31 0.63 -6.79
C VAL A 405 -25.79 -0.14 -7.99
N GLY A 406 -25.46 -1.40 -7.82
CA GLY A 406 -25.05 -2.25 -8.94
C GLY A 406 -23.56 -2.44 -9.08
N VAL A 407 -22.80 -2.19 -8.01
CA VAL A 407 -21.36 -2.41 -7.99
C VAL A 407 -21.11 -3.85 -7.58
N LYS A 408 -20.52 -4.62 -8.49
CA LYS A 408 -20.34 -6.05 -8.31
C LYS A 408 -19.19 -6.33 -7.36
N LEU A 409 -19.43 -7.19 -6.37
CA LEU A 409 -18.38 -7.68 -5.49
C LEU A 409 -18.13 -9.16 -5.76
N ASP A 410 -16.92 -9.61 -5.42
CA ASP A 410 -16.60 -11.03 -5.50
C ASP A 410 -16.99 -11.70 -4.18
N LYS A 411 -16.68 -12.99 -4.04
CA LYS A 411 -17.17 -13.71 -2.88
C LYS A 411 -16.43 -13.31 -1.60
N ASN A 412 -15.29 -12.62 -1.71
CA ASN A 412 -14.61 -12.06 -0.53
C ASN A 412 -15.05 -10.65 -0.20
N GLY A 413 -16.03 -10.09 -0.90
CA GLY A 413 -16.47 -8.74 -0.64
C GLY A 413 -15.63 -7.66 -1.28
N ARG A 414 -14.69 -8.02 -2.15
CA ARG A 414 -13.89 -7.03 -2.85
C ARG A 414 -14.53 -6.65 -4.18
N VAL A 415 -14.15 -5.49 -4.69
CA VAL A 415 -14.83 -4.93 -5.85
C VAL A 415 -14.22 -5.52 -7.11
N VAL A 416 -15.06 -5.92 -8.07
CA VAL A 416 -14.60 -6.52 -9.32
C VAL A 416 -14.40 -5.40 -10.32
N CYS A 417 -13.15 -5.19 -10.72
CA CYS A 417 -12.77 -4.06 -11.57
C CYS A 417 -12.16 -4.51 -12.89
N THR A 418 -12.37 -3.68 -13.90
CA THR A 418 -11.62 -3.73 -15.15
C THR A 418 -10.17 -3.33 -14.92
N ASP A 419 -9.35 -3.52 -15.95
CA ASP A 419 -7.93 -3.18 -15.80
CA ASP A 419 -7.95 -3.19 -15.74
C ASP A 419 -7.68 -1.68 -15.72
N ASP A 420 -8.72 -0.85 -15.84
CA ASP A 420 -8.58 0.57 -15.56
C ASP A 420 -9.36 0.99 -14.30
N GLU A 421 -9.59 0.06 -13.38
CA GLU A 421 -10.18 0.27 -12.06
C GLU A 421 -11.68 0.60 -12.12
N GLN A 422 -12.31 0.45 -13.27
CA GLN A 422 -13.73 0.73 -13.40
C GLN A 422 -14.55 -0.41 -12.81
N THR A 423 -15.54 -0.06 -12.02
CA THR A 423 -16.51 -1.04 -11.51
C THR A 423 -17.56 -1.34 -12.57
N THR A 424 -18.54 -2.16 -12.18
CA THR A 424 -19.69 -2.40 -13.02
C THR A 424 -20.63 -1.20 -13.10
N VAL A 425 -20.38 -0.14 -12.35
CA VAL A 425 -21.10 1.12 -12.51
C VAL A 425 -20.10 2.11 -13.12
N SER A 426 -20.45 2.68 -14.30
CA SER A 426 -19.37 3.10 -15.19
C SER A 426 -18.65 4.37 -14.74
N ASN A 427 -19.26 5.16 -13.87
CA ASN A 427 -18.63 6.34 -13.28
C ASN A 427 -17.98 6.04 -11.95
N VAL A 428 -18.04 4.80 -11.48
CA VAL A 428 -17.54 4.40 -10.17
C VAL A 428 -16.33 3.50 -10.38
N TYR A 429 -15.25 3.82 -9.68
CA TYR A 429 -13.98 3.13 -9.74
C TYR A 429 -13.59 2.67 -8.34
N ALA A 430 -12.68 1.70 -8.28
CA ALA A 430 -12.18 1.24 -7.01
C ALA A 430 -10.67 1.04 -7.08
N ILE A 431 -9.97 1.44 -6.01
CA ILE A 431 -8.52 1.37 -5.94
C ILE A 431 -8.11 0.83 -4.57
N GLY A 432 -6.88 0.33 -4.52
CA GLY A 432 -6.28 -0.09 -3.26
C GLY A 432 -6.75 -1.48 -2.85
N ASP A 433 -6.77 -1.70 -1.53
CA ASP A 433 -6.97 -3.04 -1.00
C ASP A 433 -8.33 -3.65 -1.39
N ILE A 434 -9.34 -2.83 -1.66
CA ILE A 434 -10.66 -3.38 -1.99
C ILE A 434 -10.80 -3.80 -3.44
N ASN A 435 -9.82 -3.49 -4.27
CA ASN A 435 -9.81 -3.88 -5.68
C ASN A 435 -9.42 -5.35 -5.78
N ALA A 436 -10.37 -6.19 -6.15
CA ALA A 436 -10.14 -7.63 -6.11
C ALA A 436 -8.97 -8.02 -6.98
N GLY A 437 -8.17 -8.95 -6.46
CA GLY A 437 -7.07 -9.53 -7.21
C GLY A 437 -5.77 -8.76 -7.17
N LYS A 438 -5.77 -7.56 -6.65
CA LYS A 438 -4.55 -6.76 -6.72
C LYS A 438 -3.67 -6.91 -5.48
N PRO A 439 -2.35 -6.74 -5.63
CA PRO A 439 -1.47 -6.71 -4.44
C PRO A 439 -1.87 -5.60 -3.49
N GLN A 440 -1.97 -5.96 -2.21
CA GLN A 440 -2.52 -5.06 -1.21
C GLN A 440 -1.38 -4.31 -0.52
N LEU A 441 -0.89 -3.28 -1.21
CA LEU A 441 0.30 -2.53 -0.82
C LEU A 441 0.05 -1.04 -1.04
N THR A 442 0.70 -0.23 -0.21
CA THR A 442 0.51 1.22 -0.28
C THR A 442 0.99 1.82 -1.59
N PRO A 443 2.17 1.48 -2.12
CA PRO A 443 2.58 2.11 -3.38
C PRO A 443 1.72 1.68 -4.55
N VAL A 444 1.13 0.49 -4.49
CA VAL A 444 0.17 0.10 -5.53
C VAL A 444 -1.05 1.01 -5.49
N ALA A 445 -1.60 1.21 -4.30
CA ALA A 445 -2.78 2.06 -4.15
C ALA A 445 -2.48 3.47 -4.64
N ILE A 446 -1.28 3.98 -4.34
CA ILE A 446 -0.92 5.33 -4.73
C ILE A 446 -0.79 5.43 -6.25
N GLN A 447 -0.06 4.49 -6.86
CA GLN A 447 0.08 4.53 -8.31
C GLN A 447 -1.28 4.38 -8.98
N ALA A 448 -2.10 3.45 -8.48
CA ALA A 448 -3.43 3.25 -9.06
C ALA A 448 -4.25 4.54 -9.01
N GLY A 449 -4.25 5.20 -7.86
CA GLY A 449 -5.07 6.40 -7.70
C GLY A 449 -4.55 7.57 -8.53
N ARG A 450 -3.23 7.78 -8.54
CA ARG A 450 -2.68 8.89 -9.31
C ARG A 450 -2.89 8.67 -10.80
N TYR A 451 -2.64 7.44 -11.27
CA TYR A 451 -2.79 7.16 -12.69
C TYR A 451 -4.26 7.23 -13.10
N LEU A 452 -5.17 6.74 -12.26
CA LEU A 452 -6.60 6.84 -12.56
C LEU A 452 -7.04 8.29 -12.67
N ALA A 453 -6.64 9.11 -11.70
CA ALA A 453 -7.01 10.53 -11.75
C ALA A 453 -6.57 11.18 -13.05
N ARG A 454 -5.39 10.82 -13.54
CA ARG A 454 -4.88 11.40 -14.78
C ARG A 454 -5.69 10.93 -15.99
N ARG A 455 -6.12 9.68 -15.98
CA ARG A 455 -6.99 9.19 -17.06
C ARG A 455 -8.35 9.88 -17.02
N LEU A 456 -8.89 10.09 -15.82
CA LEU A 456 -10.23 10.68 -15.73
C LEU A 456 -10.20 12.14 -16.14
N PHE A 457 -9.19 12.88 -15.72
CA PHE A 457 -9.25 14.32 -15.77
C PHE A 457 -8.17 14.99 -16.59
N ALA A 458 -7.19 14.24 -17.08
CA ALA A 458 -6.13 14.83 -17.89
C ALA A 458 -5.90 14.09 -19.20
N GLY A 459 -6.81 13.20 -19.60
CA GLY A 459 -6.70 12.50 -20.88
C GLY A 459 -5.57 11.49 -20.98
N ALA A 460 -5.02 11.05 -19.85
CA ALA A 460 -3.95 10.06 -19.95
C ALA A 460 -4.53 8.71 -20.34
N THR A 461 -3.66 7.84 -20.81
CA THR A 461 -4.03 6.47 -21.16
C THR A 461 -3.32 5.41 -20.34
N GLU A 462 -2.25 5.78 -19.67
CA GLU A 462 -1.43 4.81 -18.97
CA GLU A 462 -1.42 4.80 -18.97
C GLU A 462 -2.20 4.09 -17.86
N LEU A 463 -2.20 2.77 -17.92
CA LEU A 463 -2.73 1.94 -16.85
C LEU A 463 -1.67 1.62 -15.81
N THR A 464 -2.13 1.21 -14.63
CA THR A 464 -1.23 0.70 -13.60
C THR A 464 -0.86 -0.74 -13.95
N ASP A 465 0.44 -1.06 -13.86
CA ASP A 465 0.94 -2.40 -14.11
C ASP A 465 1.06 -3.09 -12.77
N TYR A 466 0.23 -4.12 -12.56
CA TYR A 466 0.18 -4.82 -11.29
C TYR A 466 1.05 -6.07 -11.27
N SER A 467 1.86 -6.30 -12.30
CA SER A 467 2.68 -7.51 -12.37
C SER A 467 4.06 -7.28 -11.77
N ASN A 468 4.60 -8.36 -11.19
CA ASN A 468 5.96 -8.35 -10.60
C ASN A 468 6.16 -7.18 -9.63
N VAL A 469 5.16 -6.94 -8.78
CA VAL A 469 5.25 -5.88 -7.77
C VAL A 469 6.09 -6.39 -6.59
N ALA A 470 7.21 -5.73 -6.34
CA ALA A 470 8.13 -6.14 -5.27
C ALA A 470 7.52 -5.87 -3.90
N THR A 471 7.96 -6.66 -2.93
CA THR A 471 7.48 -6.58 -1.54
CA THR A 471 7.52 -6.45 -1.56
C THR A 471 8.67 -6.73 -0.60
N THR A 472 8.47 -6.31 0.65
CA THR A 472 9.42 -6.66 1.69
C THR A 472 8.65 -6.91 2.98
N VAL A 473 8.98 -8.04 3.61
CA VAL A 473 8.52 -8.41 4.94
C VAL A 473 9.58 -7.97 5.94
N PHE A 474 9.20 -7.07 6.83
CA PHE A 474 10.11 -6.44 7.78
C PHE A 474 10.14 -7.19 9.11
N THR A 475 10.41 -8.49 8.98
CA THR A 475 10.71 -9.37 10.09
C THR A 475 12.11 -9.03 10.61
N PRO A 476 12.51 -9.61 11.75
CA PRO A 476 13.81 -9.22 12.35
C PRO A 476 14.95 -9.34 11.36
N LEU A 477 14.98 -10.43 10.60
CA LEU A 477 15.77 -10.53 9.39
C LEU A 477 14.79 -10.37 8.24
N GLU A 478 14.98 -9.33 7.45
CA GLU A 478 14.02 -8.88 6.44
C GLU A 478 14.03 -9.80 5.22
N TYR A 479 12.87 -9.88 4.55
CA TYR A 479 12.70 -10.73 3.38
C TYR A 479 12.11 -9.91 2.24
N GLY A 480 12.91 -9.68 1.19
CA GLY A 480 12.45 -8.98 -0.01
C GLY A 480 12.23 -9.96 -1.15
N ALA A 481 11.23 -9.66 -1.97
CA ALA A 481 10.92 -10.55 -3.09
C ALA A 481 10.33 -9.75 -4.24
N CYS A 482 10.60 -10.20 -5.45
CA CYS A 482 9.96 -9.64 -6.63
C CYS A 482 9.73 -10.75 -7.63
N GLY A 483 8.47 -10.97 -8.02
CA GLY A 483 8.13 -12.01 -8.98
C GLY A 483 7.62 -13.28 -8.30
N LEU A 484 7.78 -14.38 -9.02
CA LEU A 484 7.19 -15.64 -8.60
C LEU A 484 7.99 -16.31 -7.51
N SER A 485 7.28 -16.96 -6.60
CA SER A 485 7.90 -17.95 -5.74
C SER A 485 8.45 -19.09 -6.56
N GLU A 486 9.42 -19.81 -6.00
CA GLU A 486 9.95 -20.98 -6.70
C GLU A 486 8.84 -22.00 -6.99
N GLU A 487 7.97 -22.26 -6.02
CA GLU A 487 6.97 -23.28 -6.27
C GLU A 487 5.95 -22.84 -7.31
N ASP A 488 5.63 -21.55 -7.37
CA ASP A 488 4.67 -21.10 -8.38
C ASP A 488 5.29 -21.16 -9.79
N ALA A 489 6.58 -20.88 -9.88
CA ALA A 489 7.24 -20.97 -11.16
C ALA A 489 7.24 -22.41 -11.67
N ILE A 490 7.55 -23.35 -10.79
CA ILE A 490 7.57 -24.75 -11.15
C ILE A 490 6.19 -25.22 -11.55
N GLU A 491 5.16 -24.79 -10.82
CA GLU A 491 3.80 -25.18 -11.18
CA GLU A 491 3.80 -25.18 -11.19
C GLU A 491 3.41 -24.63 -12.56
N LYS A 492 3.87 -23.41 -12.90
CA LYS A 492 3.42 -22.77 -14.13
C LYS A 492 4.15 -23.29 -15.36
N TYR A 493 5.47 -23.51 -15.25
CA TYR A 493 6.30 -23.84 -16.38
C TYR A 493 6.85 -25.25 -16.34
N GLY A 494 6.74 -25.93 -15.21
CA GLY A 494 7.27 -27.27 -15.09
C GLY A 494 8.69 -27.27 -14.56
N ASP A 495 9.01 -28.30 -13.77
CA ASP A 495 10.30 -28.35 -13.12
C ASP A 495 11.45 -28.37 -14.10
N LYS A 496 11.26 -29.01 -15.26
CA LYS A 496 12.36 -29.11 -16.20
C LYS A 496 12.70 -27.77 -16.85
N ASP A 497 11.82 -26.78 -16.79
CA ASP A 497 12.06 -25.48 -17.41
C ASP A 497 12.53 -24.44 -16.40
N ILE A 498 12.82 -24.83 -15.17
CA ILE A 498 13.16 -23.88 -14.11
C ILE A 498 14.57 -24.18 -13.64
N GLU A 499 15.38 -23.14 -13.56
CA GLU A 499 16.71 -23.20 -12.96
C GLU A 499 16.72 -22.21 -11.83
N VAL A 500 17.25 -22.62 -10.68
CA VAL A 500 17.32 -21.75 -9.51
C VAL A 500 18.79 -21.59 -9.12
N TYR A 501 19.29 -20.35 -9.21
CA TYR A 501 20.62 -20.00 -8.74
C TYR A 501 20.51 -19.46 -7.33
N HIS A 502 21.39 -19.90 -6.44
CA HIS A 502 21.27 -19.44 -5.06
C HIS A 502 22.61 -19.38 -4.36
N SER A 503 22.62 -18.64 -3.25
CA SER A 503 23.80 -18.56 -2.38
C SER A 503 23.37 -18.08 -0.99
N ASN A 504 24.04 -18.61 0.03
CA ASN A 504 24.10 -17.89 1.29
C ASN A 504 25.03 -16.69 1.18
N PHE A 505 24.96 -15.80 2.17
CA PHE A 505 25.96 -14.77 2.28
C PHE A 505 26.00 -14.28 3.71
N LYS A 506 27.01 -13.47 4.01
CA LYS A 506 27.14 -12.91 5.34
C LYS A 506 27.42 -11.42 5.17
N PRO A 507 26.59 -10.56 5.73
CA PRO A 507 26.90 -9.13 5.68
C PRO A 507 28.23 -8.86 6.34
N LEU A 508 29.00 -7.95 5.75
CA LEU A 508 30.27 -7.59 6.35
C LEU A 508 30.06 -7.08 7.78
N GLU A 509 28.96 -6.40 8.01
CA GLU A 509 28.62 -5.85 9.32
C GLU A 509 28.46 -6.93 10.37
N TRP A 510 28.18 -8.16 9.95
CA TRP A 510 28.00 -9.29 10.87
C TRP A 510 29.30 -9.96 11.29
N THR A 511 30.43 -9.65 10.64
CA THR A 511 31.67 -10.38 10.90
C THR A 511 32.24 -10.03 12.26
N VAL A 512 32.58 -8.75 12.48
CA VAL A 512 33.14 -8.30 13.76
C VAL A 512 32.11 -8.49 14.86
N ALA A 513 30.82 -8.44 14.51
CA ALA A 513 29.72 -8.60 15.46
C ALA A 513 29.44 -10.05 15.83
N HIS A 514 30.11 -11.02 15.21
CA HIS A 514 29.99 -12.44 15.54
C HIS A 514 28.56 -12.97 15.35
N ARG A 515 27.89 -12.52 14.29
CA ARG A 515 26.59 -13.05 13.92
C ARG A 515 26.77 -14.21 12.93
N GLU A 516 25.65 -14.73 12.45
CA GLU A 516 25.66 -16.06 11.81
C GLU A 516 26.26 -16.06 10.41
N ASP A 517 27.06 -17.10 10.14
CA ASP A 517 27.33 -17.58 8.79
C ASP A 517 26.08 -18.28 8.24
N ASN A 518 25.95 -18.23 6.92
CA ASN A 518 25.07 -19.13 6.19
C ASN A 518 23.63 -19.07 6.70
N VAL A 519 23.18 -17.87 6.99
CA VAL A 519 21.78 -17.63 7.33
C VAL A 519 21.12 -16.67 6.33
N CYS A 520 21.76 -15.53 6.05
CA CYS A 520 21.27 -14.72 4.95
C CYS A 520 21.37 -15.54 3.66
N TYR A 521 20.43 -15.31 2.75
CA TYR A 521 20.24 -16.22 1.63
C TYR A 521 19.57 -15.47 0.49
N MET A 522 19.96 -15.78 -0.74
CA MET A 522 19.27 -15.21 -1.90
C MET A 522 19.19 -16.23 -3.03
N LYS A 523 18.21 -16.02 -3.91
CA LYS A 523 18.06 -16.89 -5.07
C LYS A 523 17.35 -16.15 -6.20
N LEU A 524 17.64 -16.63 -7.42
CA LEU A 524 16.99 -16.20 -8.64
C LEU A 524 16.35 -17.44 -9.25
N VAL A 525 15.04 -17.37 -9.47
CA VAL A 525 14.26 -18.42 -10.09
C VAL A 525 14.11 -18.04 -11.55
N CYS A 526 14.66 -18.86 -12.45
CA CYS A 526 14.82 -18.49 -13.84
C CYS A 526 14.15 -19.50 -14.75
N ARG A 527 13.77 -19.05 -15.96
CA ARG A 527 13.14 -19.89 -16.97
C ARG A 527 14.13 -20.27 -18.07
N LYS A 528 14.46 -21.56 -18.12
CA LYS A 528 15.49 -22.06 -19.02
C LYS A 528 15.15 -21.79 -20.48
N SER A 529 13.92 -22.10 -20.91
CA SER A 529 13.56 -21.94 -22.31
C SER A 529 13.36 -20.49 -22.71
N ASP A 530 13.41 -19.53 -21.79
CA ASP A 530 13.26 -18.13 -22.17
C ASP A 530 14.53 -17.37 -21.83
N ASN A 531 15.67 -17.84 -22.32
CA ASN A 531 16.95 -17.14 -22.14
CA ASN A 531 16.95 -17.14 -22.14
C ASN A 531 17.28 -16.95 -20.65
N MET A 532 16.85 -17.89 -19.80
CA MET A 532 17.10 -17.78 -18.35
C MET A 532 16.50 -16.50 -17.76
N ARG A 533 15.34 -16.12 -18.28
CA ARG A 533 14.58 -15.00 -17.74
C ARG A 533 14.43 -15.11 -16.23
N VAL A 534 14.61 -14.01 -15.52
CA VAL A 534 14.43 -14.02 -14.07
C VAL A 534 12.94 -13.89 -13.78
N LEU A 535 12.33 -14.99 -13.30
CA LEU A 535 10.92 -15.03 -12.92
C LEU A 535 10.66 -14.57 -11.50
N GLY A 536 11.64 -14.78 -10.61
CA GLY A 536 11.48 -14.43 -9.22
C GLY A 536 12.81 -14.19 -8.57
N LEU A 537 12.88 -13.13 -7.77
CA LEU A 537 14.06 -12.77 -7.01
C LEU A 537 13.68 -12.77 -5.53
N HIS A 538 14.52 -13.37 -4.69
CA HIS A 538 14.24 -13.56 -3.27
C HIS A 538 15.49 -13.29 -2.44
N VAL A 539 15.39 -12.47 -1.38
CA VAL A 539 16.55 -12.22 -0.53
C VAL A 539 16.15 -12.11 0.94
N LEU A 540 16.83 -12.88 1.78
CA LEU A 540 16.72 -12.79 3.22
C LEU A 540 17.99 -12.15 3.76
N GLY A 541 17.86 -10.97 4.35
CA GLY A 541 19.02 -10.27 4.86
C GLY A 541 18.66 -8.88 5.31
N PRO A 542 19.64 -8.16 5.86
CA PRO A 542 19.36 -6.79 6.31
C PRO A 542 19.07 -5.89 5.12
N ASN A 543 18.27 -4.86 5.39
CA ASN A 543 17.95 -3.80 4.41
C ASN A 543 17.38 -4.40 3.13
N ALA A 544 16.56 -5.43 3.27
CA ALA A 544 16.13 -6.20 2.10
C ALA A 544 15.25 -5.39 1.16
N GLY A 545 14.52 -4.41 1.67
CA GLY A 545 13.74 -3.54 0.77
C GLY A 545 14.63 -2.65 -0.08
N GLU A 546 15.70 -2.13 0.51
CA GLU A 546 16.66 -1.36 -0.28
C GLU A 546 17.33 -2.25 -1.31
N ILE A 547 17.70 -3.48 -0.92
CA ILE A 547 18.31 -4.39 -1.88
C ILE A 547 17.37 -4.62 -3.06
N THR A 548 16.11 -4.95 -2.78
CA THR A 548 15.21 -5.50 -3.78
C THR A 548 14.75 -4.45 -4.78
N GLN A 549 14.56 -3.21 -4.33
CA GLN A 549 13.81 -2.25 -5.11
C GLN A 549 14.36 -2.08 -6.52
N GLY A 550 15.66 -1.85 -6.64
CA GLY A 550 16.22 -1.58 -7.95
C GLY A 550 16.08 -2.74 -8.90
N TYR A 551 16.15 -3.95 -8.37
CA TYR A 551 16.01 -5.10 -9.26
C TYR A 551 14.62 -5.19 -9.86
N ALA A 552 13.62 -4.59 -9.19
CA ALA A 552 12.25 -4.64 -9.70
C ALA A 552 12.14 -3.90 -11.02
N VAL A 553 12.96 -2.85 -11.21
CA VAL A 553 13.00 -2.18 -12.51
C VAL A 553 13.55 -3.11 -13.58
N ALA A 554 14.63 -3.80 -13.27
CA ALA A 554 15.25 -4.72 -14.22
C ALA A 554 14.31 -5.89 -14.53
N ILE A 555 13.62 -6.42 -13.52
CA ILE A 555 12.67 -7.50 -13.76
C ILE A 555 11.50 -7.00 -14.62
N LYS A 556 11.01 -5.79 -14.34
CA LYS A 556 9.99 -5.18 -15.20
C LYS A 556 10.45 -5.12 -16.65
N MET A 557 11.75 -4.87 -16.86
CA MET A 557 12.30 -4.78 -18.20
C MET A 557 12.62 -6.14 -18.81
N GLY A 558 12.38 -7.23 -18.09
CA GLY A 558 12.65 -8.55 -18.63
C GLY A 558 14.07 -9.06 -18.41
N ALA A 559 14.68 -8.73 -17.29
CA ALA A 559 16.05 -9.15 -17.03
C ALA A 559 16.21 -10.67 -17.09
N THR A 560 17.36 -11.08 -17.62
CA THR A 560 17.77 -12.47 -17.63
C THR A 560 18.92 -12.65 -16.64
N LYS A 561 19.27 -13.91 -16.41
CA LYS A 561 20.44 -14.19 -15.60
C LYS A 561 21.68 -13.53 -16.19
N ALA A 562 21.82 -13.54 -17.51
CA ALA A 562 22.97 -12.90 -18.16
C ALA A 562 23.03 -11.41 -17.88
N ASP A 563 21.87 -10.75 -17.72
CA ASP A 563 21.89 -9.33 -17.39
C ASP A 563 22.43 -9.11 -15.98
N PHE A 564 22.09 -10.00 -15.02
CA PHE A 564 22.67 -9.91 -13.70
C PHE A 564 24.18 -10.16 -13.75
N ASP A 565 24.60 -11.14 -14.54
CA ASP A 565 26.01 -11.51 -14.56
C ASP A 565 26.89 -10.40 -15.13
N ARG A 566 26.42 -9.76 -16.21
CA ARG A 566 27.25 -8.77 -16.86
CA ARG A 566 27.15 -8.71 -16.91
C ARG A 566 27.34 -7.48 -16.05
N THR A 567 26.45 -7.27 -15.08
CA THR A 567 26.49 -6.11 -14.20
C THR A 567 27.55 -6.33 -13.13
N ILE A 568 28.31 -5.27 -12.83
CA ILE A 568 29.37 -5.32 -11.82
C ILE A 568 28.82 -5.00 -10.42
N GLY A 569 29.27 -5.77 -9.44
CA GLY A 569 28.88 -5.52 -8.05
C GLY A 569 29.43 -4.23 -7.50
N ILE A 570 28.70 -3.68 -6.53
CA ILE A 570 29.21 -2.65 -5.61
C ILE A 570 29.73 -3.36 -4.37
N HIS A 571 30.98 -3.10 -4.01
CA HIS A 571 31.58 -3.79 -2.90
C HIS A 571 31.98 -2.78 -1.82
N PRO A 572 31.76 -3.08 -0.52
CA PRO A 572 31.12 -4.28 0.01
C PRO A 572 29.67 -4.03 0.33
N THR A 573 28.80 -4.81 -0.28
CA THR A 573 27.37 -4.75 -0.02
C THR A 573 26.81 -6.15 0.07
N CYS A 574 25.61 -6.26 0.64
CA CYS A 574 24.88 -7.51 0.51
C CYS A 574 24.38 -7.73 -0.92
N SER A 575 23.88 -6.68 -1.55
CA SER A 575 23.19 -6.81 -2.83
C SER A 575 24.10 -7.34 -3.93
N GLU A 576 25.40 -7.06 -3.85
CA GLU A 576 26.29 -7.46 -4.95
C GLU A 576 26.29 -8.96 -5.16
N THR A 577 25.90 -9.75 -4.16
CA THR A 577 25.95 -11.19 -4.37
C THR A 577 24.99 -11.64 -5.48
N PHE A 578 24.01 -10.81 -5.83
CA PHE A 578 23.12 -11.13 -6.94
C PHE A 578 23.86 -11.09 -8.28
N THR A 579 25.04 -10.46 -8.33
CA THR A 579 25.74 -10.31 -9.60
C THR A 579 26.75 -11.41 -9.86
N THR A 580 26.93 -12.35 -8.90
CA THR A 580 27.90 -13.43 -9.05
C THR A 580 27.33 -14.79 -8.66
N LEU A 581 26.01 -14.97 -8.70
CA LEU A 581 25.44 -16.28 -8.38
C LEU A 581 25.84 -17.30 -9.45
N HIS A 582 26.17 -18.51 -8.99
CA HIS A 582 26.55 -19.57 -9.91
C HIS A 582 26.10 -20.95 -9.49
N VAL A 583 25.81 -21.20 -8.23
CA VAL A 583 25.37 -22.52 -7.79
C VAL A 583 23.90 -22.70 -8.14
N THR A 584 23.58 -23.77 -8.86
CA THR A 584 22.18 -24.10 -9.16
C THR A 584 21.69 -25.14 -8.18
N LYS A 585 20.39 -25.09 -7.89
CA LYS A 585 19.78 -26.14 -7.08
C LYS A 585 19.90 -27.52 -7.72
N LYS A 586 19.71 -27.62 -9.04
CA LYS A 586 19.75 -28.93 -9.69
C LYS A 586 21.13 -29.57 -9.58
N SER A 587 22.19 -28.75 -9.45
CA SER A 587 23.54 -29.27 -9.31
C SER A 587 23.76 -29.99 -7.99
N GLY A 588 22.91 -29.74 -7.00
CA GLY A 588 23.09 -30.31 -5.68
C GLY A 588 24.24 -29.75 -4.87
N VAL A 589 24.99 -28.79 -5.41
CA VAL A 589 26.12 -28.22 -4.69
C VAL A 589 25.61 -27.32 -3.55
N SER A 590 26.27 -27.36 -2.41
CA SER A 590 25.79 -26.59 -1.27
C SER A 590 25.86 -25.08 -1.56
N PRO A 591 24.86 -24.32 -1.11
CA PRO A 591 24.90 -22.85 -1.27
C PRO A 591 25.71 -22.14 -0.20
N ILE A 592 26.18 -22.86 0.83
CA ILE A 592 26.90 -22.20 1.92
C ILE A 592 28.21 -21.63 1.40
N VAL A 593 28.75 -20.66 2.14
CA VAL A 593 29.93 -19.93 1.71
C VAL A 593 30.96 -19.82 2.83
PA FAD B . -6.67 2.41 3.62
O1A FAD B . -7.03 1.31 4.59
O2A FAD B . -5.25 2.96 3.76
O5B FAD B . -7.62 3.73 3.71
C5B FAD B . -9.02 3.55 3.61
C4B FAD B . -9.70 4.70 4.43
O4B FAD B . -11.03 4.79 4.18
C3B FAD B . -9.55 4.39 5.93
O3B FAD B . -9.21 5.51 6.62
C2B FAD B . -11.00 3.94 6.26
O2B FAD B . -11.26 4.09 7.70
C1B FAD B . -11.73 4.79 5.57
N9A FAD B . -13.10 4.38 5.31
C8A FAD B . -13.58 3.13 5.22
N7A FAD B . -14.88 3.21 4.94
C5A FAD B . -15.18 4.51 4.83
C6A FAD B . -16.36 5.16 4.55
N6A FAD B . -17.65 4.56 4.27
N1A FAD B . -16.45 6.48 4.51
C2A FAD B . -15.33 7.22 4.72
N3A FAD B . -14.15 6.58 5.00
C4A FAD B . -14.09 5.24 5.06
N1 FAD B . 1.84 -1.94 2.66
C2 FAD B . 3.14 -1.65 2.11
O2 FAD B . 3.21 -1.36 0.98
N3 FAD B . 4.31 -1.74 2.99
C4 FAD B . 4.23 -2.11 4.35
O4 FAD B . 5.16 -2.13 5.05
C4X FAD B . 2.87 -2.38 4.88
N5 FAD B . 2.73 -2.72 6.22
C5X FAD B . 1.41 -2.96 6.77
C6 FAD B . 1.29 -3.28 8.11
C7 FAD B . 0.00 -3.51 8.62
C7M FAD B . -0.01 -3.84 10.11
C8 FAD B . -1.09 -3.41 7.76
C8M FAD B . -2.47 -3.66 8.44
C9 FAD B . -0.97 -3.09 6.43
C9A FAD B . 0.30 -2.86 5.91
N10 FAD B . 0.42 -2.52 4.49
C10 FAD B . 1.71 -2.27 4.01
C1' FAD B . -0.75 -2.41 3.57
C2' FAD B . -1.16 -0.95 3.43
O2' FAD B . -1.43 -0.47 4.69
C3' FAD B . -2.43 -1.00 2.58
O3' FAD B . -2.17 -1.65 1.38
C4' FAD B . -2.89 0.44 2.29
O4' FAD B . -3.13 1.19 3.44
C5' FAD B . -4.22 0.33 1.50
O5' FAD B . -4.56 1.65 1.13
P FAD B . -6.15 1.93 0.75
O1P FAD B . -6.18 3.32 0.24
O2P FAD B . -6.67 0.78 -0.09
O3P FAD B . -6.94 1.76 2.15
H51A FAD B . -9.27 2.69 3.99
H52A FAD B . -9.29 3.60 2.69
H4B FAD B . -9.26 5.54 4.24
H3B FAD B . -8.92 3.67 6.07
HO3A FAD B . -9.05 5.31 7.43
H2B FAD B . -11.15 3.03 5.96
HO2A FAD B . -11.71 3.41 7.97
H1B FAD B . -11.69 5.68 5.97
H8A FAD B . -13.09 2.35 5.35
H61A FAD B . -18.22 4.44 4.91
H62A FAD B . -17.85 4.33 3.47
H2A FAD B . -15.36 8.15 4.70
HN3 FAD B . 5.09 -1.61 2.65
H6 FAD B . 2.06 -3.32 8.63
HM71 FAD B . 0.13 -4.79 10.23
HM72 FAD B . -0.86 -3.58 10.50
HM73 FAD B . 0.70 -3.36 10.55
HM81 FAD B . -3.16 -3.65 7.75
HM82 FAD B . -2.47 -4.52 8.87
HM83 FAD B . -2.65 -2.97 9.07
H9 FAD B . -1.84 -3.10 6.11
H1'1 FAD B . -0.51 -2.77 2.69
H1'2 FAD B . -1.49 -2.92 3.93
H2' FAD B . -0.46 -0.43 2.99
HO2' FAD B . -0.96 0.23 4.84
H3' FAD B . -3.13 -1.47 3.06
HO3' FAD B . -2.76 -2.23 1.23
H4' FAD B . -2.22 0.88 1.74
HO4' FAD B . -3.36 1.98 3.22
H5'1 FAD B . -4.91 -0.05 2.06
H5'2 FAD B . -4.09 -0.22 0.71
C05 DVQ C . 3.37 -12.79 -1.67
C06 DVQ C . 1.87 -12.96 -3.36
C07 DVQ C . 4.16 -11.95 -2.66
C08 DVQ C . 3.09 -12.78 -4.29
C09 DVQ C . 1.29 -12.40 -1.44
C10 DVQ C . 5.03 -12.09 -4.57
C11 DVQ C . 0.41 -13.33 -0.65
C12 DVQ C . 6.54 -12.27 -4.28
N03 DVQ C . 2.16 -13.05 -2.08
N04 DVQ C . 4.24 -12.66 -3.70
O01 DVQ C . -0.08 -12.53 0.32
O02 DVQ C . 7.00 -13.57 -4.44
H052 DVQ C . 3.33 -12.31 -0.83
H051 DVQ C . 3.84 -13.63 -1.53
H062 DVQ C . 1.40 -13.78 -3.62
H061 DVQ C . 1.27 -12.21 -3.48
H072 DVQ C . 3.69 -11.13 -2.83
H071 DVQ C . 5.05 -11.77 -2.30
H082 DVQ C . 3.13 -13.55 -4.88
H081 DVQ C . 2.94 -11.99 -4.82
H092 DVQ C . 0.76 -11.89 -2.07
H091 DVQ C . 1.74 -11.79 -0.83
H102 DVQ C . 4.84 -12.45 -5.45
H101 DVQ C . 4.84 -11.13 -4.58
H112 DVQ C . 0.92 -14.06 -0.28
H111 DVQ C . -0.32 -13.67 -1.21
H121 DVQ C . 7.04 -11.69 -4.87
H122 DVQ C . 6.72 -12.00 -3.37
H011 DVQ C . -0.70 -12.04 0.01
H021 DVQ C . 6.54 -14.09 -3.96
#